data_3S61
#
_entry.id   3S61
#
_cell.length_a   128.162
_cell.length_b   128.162
_cell.length_c   316.514
_cell.angle_alpha   90.00
_cell.angle_beta   90.00
_cell.angle_gamma   90.00
#
_symmetry.space_group_name_H-M   'I 41 2 2'
#
loop_
_entity.id
_entity.type
_entity.pdbx_description
1 polymer 'L-ornithine 5-monooxygenase'
2 non-polymer 'FLAVIN-ADENINE DINUCLEOTIDE'
3 non-polymer L-ornithine
4 non-polymer 'NADPH DIHYDRO-NICOTINAMIDE-ADENINE-DINUCLEOTIDE PHOSPHATE'
#
_entity_poly.entity_id   1
_entity_poly.type   'polypeptide(L)'
_entity_poly.pdbx_seq_one_letter_code
;MGSSHHHHHHSSGLVPRGSHMTQATATAVVHDLIGVGFGPSNIALAIALQERAQAQGALEVLFLDKQGDYRWHGNTLVSQ
SELQISFLKDLVSLRNPTSPYSFVNYLHKHDRLVDFINLGTFYPCRMEFNDYLRWVASHFQEQSRYGEEVLRIEPMLSAG
QVEALRVISRNADGEELVRTTRALVVSPGGTPRIPQVFRALKGDGRVFHHSQYLEHMAKQPCSSGKPMKIAIIGGGQSAA
EAFIDLNDSYPSVQADMILRASALKPADDSPFVNEVFAPKFTDLIYSREHAERERLLREYHNTNYSVVDTDLIERIYGVF
YRQKVSGIPRHAFRCMTTVERATATAQGIELALRDAGSGELSVETYDAVILATGYERQLHRQLLEPLAEYLGDHEIGRDY
RLQTDERCKVAIYAQGFSQASHGLSDTLLSVLPVRAEEISGSLYQHLKPGTAARALHEHALAS
;
_entity_poly.pdbx_strand_id   A,B
#
loop_
_chem_comp.id
_chem_comp.type
_chem_comp.name
_chem_comp.formula
FAD non-polymer 'FLAVIN-ADENINE DINUCLEOTIDE' 'C27 H33 N9 O15 P2'
NDP non-polymer 'NADPH DIHYDRO-NICOTINAMIDE-ADENINE-DINUCLEOTIDE PHOSPHATE' 'C21 H30 N7 O17 P3'
#
# COMPACT_ATOMS: atom_id res chain seq x y z
N VAL A 29 -21.56 26.55 1.90
CA VAL A 29 -20.33 27.32 2.00
C VAL A 29 -19.09 26.48 1.77
N VAL A 30 -18.32 26.95 0.81
CA VAL A 30 -17.15 26.26 0.29
C VAL A 30 -15.90 27.02 0.63
N HIS A 31 -14.88 26.30 1.07
CA HIS A 31 -13.66 26.91 1.54
C HIS A 31 -12.61 26.90 0.48
N ASP A 32 -11.91 28.00 0.36
CA ASP A 32 -10.87 28.06 -0.61
C ASP A 32 -9.80 27.05 -0.25
N LEU A 33 -9.47 26.91 1.00
CA LEU A 33 -8.49 25.94 1.40
C LEU A 33 -8.78 25.35 2.74
N ILE A 34 -8.41 24.10 2.91
CA ILE A 34 -8.52 23.46 4.19
C ILE A 34 -7.29 22.67 4.36
N GLY A 35 -6.75 22.59 5.56
CA GLY A 35 -5.52 21.88 5.76
C GLY A 35 -5.65 20.87 6.86
N VAL A 36 -4.85 19.82 6.77
CA VAL A 36 -4.88 18.80 7.77
C VAL A 36 -3.73 18.97 8.70
N GLY A 37 -4.01 19.55 9.84
CA GLY A 37 -3.05 19.80 10.88
C GLY A 37 -2.76 21.26 10.92
N PHE A 38 -2.44 21.77 12.10
CA PHE A 38 -2.07 23.12 12.23
C PHE A 38 -0.84 23.06 13.05
N GLY A 39 0.06 22.25 12.57
CA GLY A 39 1.35 22.10 13.16
C GLY A 39 2.13 23.14 12.46
N PRO A 40 3.42 23.06 12.57
CA PRO A 40 4.31 24.08 12.11
C PRO A 40 4.25 24.25 10.65
N SER A 41 4.15 23.18 9.92
CA SER A 41 4.21 23.27 8.51
C SER A 41 3.06 24.12 8.10
N ASN A 42 1.89 23.78 8.57
CA ASN A 42 0.68 24.53 8.23
C ASN A 42 0.52 25.94 8.77
N ILE A 43 1.09 26.22 9.91
CA ILE A 43 1.14 27.57 10.44
C ILE A 43 1.98 28.48 9.62
N ALA A 44 3.09 27.99 9.15
CA ALA A 44 4.00 28.79 8.39
C ALA A 44 3.29 29.21 7.16
N LEU A 45 2.45 28.32 6.66
CA LEU A 45 1.60 28.54 5.51
C LEU A 45 0.57 29.59 5.77
N ALA A 46 0.01 29.56 6.95
CA ALA A 46 -1.05 30.45 7.29
C ALA A 46 -0.59 31.86 7.24
N ILE A 47 0.62 32.03 7.70
CA ILE A 47 1.26 33.31 7.72
C ILE A 47 1.51 33.86 6.35
N ALA A 48 2.00 33.02 5.46
CA ALA A 48 2.25 33.45 4.12
C ALA A 48 0.98 33.87 3.48
N LEU A 49 -0.07 33.09 3.68
CA LEU A 49 -1.34 33.38 3.07
C LEU A 49 -1.79 34.71 3.54
N GLN A 50 -1.57 34.98 4.79
CA GLN A 50 -1.89 36.27 5.31
C GLN A 50 -1.06 37.35 4.67
N GLU A 51 0.20 37.11 4.45
CA GLU A 51 1.01 38.12 3.83
C GLU A 51 0.56 38.46 2.43
N ARG A 52 0.27 37.46 1.63
CA ARG A 52 -0.26 37.66 0.30
C ARG A 52 -1.62 38.34 0.30
N ALA A 53 -2.39 38.18 1.34
CA ALA A 53 -3.76 38.55 1.30
C ALA A 53 -3.91 39.98 0.93
N GLN A 54 -3.03 40.83 1.41
CA GLN A 54 -3.17 42.25 1.13
C GLN A 54 -3.09 42.59 -0.34
N ALA A 55 -2.10 42.04 -1.03
CA ALA A 55 -2.01 42.24 -2.47
C ALA A 55 -3.05 41.50 -3.28
N GLN A 56 -3.27 40.23 -2.95
CA GLN A 56 -4.15 39.37 -3.75
C GLN A 56 -5.52 38.95 -3.21
N GLY A 57 -5.94 39.44 -2.05
CA GLY A 57 -7.23 39.06 -1.51
C GLY A 57 -7.16 37.88 -0.56
N ALA A 58 -8.08 37.81 0.37
CA ALA A 58 -8.00 36.80 1.40
C ALA A 58 -8.93 35.64 1.20
N LEU A 59 -8.33 34.47 1.01
CA LEU A 59 -9.05 33.23 0.83
C LEU A 59 -9.61 32.75 2.11
N GLU A 60 -10.78 32.14 2.08
CA GLU A 60 -11.31 31.54 3.29
C GLU A 60 -10.64 30.21 3.46
N VAL A 61 -10.07 30.02 4.65
CA VAL A 61 -9.19 28.93 4.98
C VAL A 61 -9.48 28.40 6.35
N LEU A 62 -9.18 27.13 6.60
CA LEU A 62 -9.32 26.50 7.89
C LEU A 62 -8.23 25.51 8.03
N PHE A 63 -7.68 25.32 9.21
CA PHE A 63 -6.72 24.27 9.40
C PHE A 63 -7.20 23.49 10.58
N LEU A 64 -7.42 22.20 10.43
CA LEU A 64 -7.94 21.42 11.52
C LEU A 64 -6.86 20.65 12.16
N ASP A 65 -6.85 20.60 13.49
CA ASP A 65 -5.87 19.81 14.18
C ASP A 65 -6.55 18.96 15.19
N LYS A 66 -6.04 17.78 15.41
CA LYS A 66 -6.70 16.83 16.26
C LYS A 66 -6.43 17.03 17.73
N GLN A 67 -5.67 18.05 18.06
CA GLN A 67 -5.31 18.33 19.43
C GLN A 67 -6.20 19.42 19.96
N GLY A 68 -6.91 19.17 21.04
CA GLY A 68 -7.73 20.18 21.65
C GLY A 68 -6.92 21.32 22.21
N ASP A 69 -5.84 20.98 22.88
CA ASP A 69 -4.89 21.96 23.37
C ASP A 69 -3.63 21.56 22.66
N TYR A 70 -3.15 22.39 21.76
CA TYR A 70 -2.02 22.05 20.94
C TYR A 70 -0.69 22.26 21.58
N ARG A 71 0.07 21.19 21.66
CA ARG A 71 1.43 21.21 22.10
C ARG A 71 2.17 20.55 20.99
N TRP A 72 3.38 21.01 20.73
CA TRP A 72 4.16 20.53 19.62
C TRP A 72 4.86 19.30 20.10
N HIS A 73 4.33 18.15 19.73
CA HIS A 73 4.89 16.90 20.16
C HIS A 73 4.98 16.94 21.63
N GLY A 74 3.86 17.16 22.27
CA GLY A 74 3.79 17.43 23.68
C GLY A 74 4.28 16.35 24.55
N ASN A 75 4.03 15.13 24.14
CA ASN A 75 4.40 14.01 24.95
C ASN A 75 5.88 13.83 24.96
N THR A 76 6.56 14.55 24.10
CA THR A 76 8.00 14.42 24.06
C THR A 76 8.72 15.54 24.77
N LEU A 77 8.02 16.52 25.31
CA LEU A 77 8.69 17.68 25.85
C LEU A 77 9.21 17.49 27.25
N VAL A 78 10.36 16.86 27.32
CA VAL A 78 11.12 16.60 28.51
C VAL A 78 11.96 17.81 28.89
N SER A 79 12.68 17.72 30.00
CA SER A 79 13.44 18.85 30.53
C SER A 79 14.54 19.48 29.69
N GLN A 80 15.33 18.64 29.06
CA GLN A 80 16.48 19.10 28.30
C GLN A 80 16.41 18.54 26.91
N SER A 81 15.43 19.03 26.16
CA SER A 81 15.27 18.71 24.76
C SER A 81 15.62 20.03 24.10
N GLU A 82 16.63 20.02 23.25
CA GLU A 82 17.09 21.24 22.61
C GLU A 82 16.63 21.28 21.17
N LEU A 83 16.17 22.45 20.72
CA LEU A 83 15.73 22.54 19.36
C LEU A 83 16.96 22.14 18.58
N GLN A 84 16.78 21.25 17.61
CA GLN A 84 17.88 20.75 16.83
C GLN A 84 18.10 21.60 15.63
N ILE A 85 17.40 22.70 15.57
CA ILE A 85 17.57 23.62 14.49
C ILE A 85 17.75 25.03 15.00
N SER A 86 18.50 25.85 14.29
CA SER A 86 18.75 27.20 14.74
C SER A 86 17.49 27.98 14.85
N PHE A 87 17.35 28.77 15.89
CA PHE A 87 16.08 29.41 16.12
C PHE A 87 15.80 30.32 14.98
N LEU A 88 16.82 30.73 14.26
CA LEU A 88 16.61 31.64 13.17
C LEU A 88 15.86 30.97 12.05
N LYS A 89 15.88 29.66 12.02
CA LYS A 89 15.14 28.95 11.04
C LYS A 89 13.81 28.70 11.66
N ASP A 90 13.12 29.75 11.99
CA ASP A 90 11.82 29.69 12.57
C ASP A 90 10.83 29.73 11.46
N LEU A 91 9.60 30.02 11.80
CA LEU A 91 8.50 30.07 10.88
C LEU A 91 8.54 31.11 9.80
N VAL A 92 9.08 32.28 10.02
CA VAL A 92 9.00 33.27 8.96
C VAL A 92 10.27 33.83 8.41
N SER A 93 11.33 33.76 9.18
CA SER A 93 12.53 34.53 8.95
C SER A 93 13.25 34.28 7.69
N LEU A 94 13.32 33.06 7.22
CA LEU A 94 14.02 32.84 6.00
C LEU A 94 13.32 33.55 4.88
N ARG A 95 12.03 33.78 4.97
CA ARG A 95 11.36 34.48 3.91
C ARG A 95 11.42 35.95 4.24
N ASN A 96 10.92 36.27 5.41
CA ASN A 96 10.70 37.65 5.79
C ASN A 96 11.01 37.99 7.23
N PRO A 97 12.18 38.49 7.47
CA PRO A 97 12.60 38.78 8.82
C PRO A 97 11.78 39.83 9.50
N THR A 98 11.02 40.59 8.76
CA THR A 98 10.29 41.71 9.31
C THR A 98 8.90 41.32 9.72
N SER A 99 8.64 40.03 9.73
CA SER A 99 7.36 39.55 10.11
C SER A 99 7.19 39.61 11.57
N PRO A 100 5.99 39.80 12.03
CA PRO A 100 5.74 39.93 13.43
C PRO A 100 5.92 38.62 14.13
N TYR A 101 6.02 37.56 13.38
CA TYR A 101 6.01 36.21 13.89
C TYR A 101 7.34 35.52 14.02
N SER A 102 8.41 36.27 13.94
CA SER A 102 9.74 35.74 14.05
C SER A 102 9.92 35.33 15.48
N PHE A 103 10.88 34.48 15.76
CA PHE A 103 11.08 34.02 17.13
C PHE A 103 11.47 35.21 17.93
N VAL A 104 12.25 36.08 17.34
CA VAL A 104 12.71 37.24 18.04
C VAL A 104 11.62 38.18 18.43
N ASN A 105 10.68 38.43 17.54
CA ASN A 105 9.58 39.29 17.88
C ASN A 105 8.76 38.67 18.96
N TYR A 106 8.67 37.37 18.94
CA TYR A 106 7.94 36.64 19.93
C TYR A 106 8.57 36.83 21.26
N LEU A 107 9.88 36.80 21.28
CA LEU A 107 10.66 37.04 22.47
C LEU A 107 10.49 38.43 22.99
N HIS A 108 10.44 39.38 22.09
CA HIS A 108 10.22 40.77 22.43
C HIS A 108 8.88 41.00 23.03
N LYS A 109 7.87 40.34 22.50
CA LYS A 109 6.53 40.53 22.97
C LYS A 109 6.32 39.90 24.31
N HIS A 110 7.27 39.11 24.72
CA HIS A 110 7.18 38.45 25.99
C HIS A 110 8.21 38.97 26.90
N ASP A 111 8.85 40.06 26.52
CA ASP A 111 9.85 40.73 27.33
C ASP A 111 11.01 39.85 27.67
N ARG A 112 11.38 38.98 26.75
CA ARG A 112 12.43 38.03 27.06
C ARG A 112 13.64 38.16 26.17
N LEU A 113 13.64 39.08 25.25
CA LEU A 113 14.69 39.13 24.28
C LEU A 113 16.03 39.34 24.88
N VAL A 114 16.14 40.24 25.81
CA VAL A 114 17.43 40.52 26.36
C VAL A 114 17.92 39.31 27.06
N ASP A 115 17.03 38.69 27.78
CA ASP A 115 17.35 37.52 28.54
C ASP A 115 17.76 36.35 27.70
N PHE A 116 17.14 36.19 26.55
CA PHE A 116 17.47 35.10 25.68
C PHE A 116 18.88 35.30 25.28
N ILE A 117 19.22 36.54 25.04
CA ILE A 117 20.52 36.90 24.54
C ILE A 117 21.60 36.56 25.50
N ASN A 118 21.36 36.80 26.76
CA ASN A 118 22.35 36.52 27.74
C ASN A 118 22.58 35.08 27.80
N LEU A 119 21.67 34.32 27.27
CA LEU A 119 21.81 32.89 27.18
C LEU A 119 22.93 32.49 26.29
N GLY A 120 23.04 33.14 25.15
CA GLY A 120 24.07 32.82 24.20
C GLY A 120 23.88 31.53 23.44
N THR A 121 22.66 31.09 23.27
CA THR A 121 22.41 29.83 22.60
C THR A 121 21.62 30.05 21.39
N PHE A 122 21.69 29.10 20.47
CA PHE A 122 20.91 29.16 19.27
C PHE A 122 19.73 28.22 19.32
N TYR A 123 19.71 27.35 20.31
CA TYR A 123 18.79 26.28 20.36
C TYR A 123 17.97 26.34 21.61
N PRO A 124 16.71 26.73 21.46
CA PRO A 124 15.81 26.91 22.60
C PRO A 124 15.27 25.60 23.16
N CYS A 125 15.03 25.57 24.46
CA CYS A 125 14.43 24.41 25.09
C CYS A 125 13.16 24.30 24.30
N ARG A 126 12.84 23.09 23.87
CA ARG A 126 11.77 22.91 22.93
C ARG A 126 10.48 23.30 23.57
N MET A 127 10.44 23.36 24.88
CA MET A 127 9.26 23.82 25.54
C MET A 127 9.02 25.25 25.13
N GLU A 128 10.06 26.02 24.97
CA GLU A 128 9.94 27.40 24.53
C GLU A 128 9.48 27.51 23.13
N PHE A 129 9.98 26.64 22.28
CA PHE A 129 9.62 26.72 20.89
C PHE A 129 8.17 26.49 20.79
N ASN A 130 7.67 25.69 21.70
CA ASN A 130 6.28 25.37 21.76
C ASN A 130 5.40 26.54 22.04
N ASP A 131 5.82 27.37 22.96
CA ASP A 131 5.11 28.54 23.31
C ASP A 131 5.10 29.48 22.16
N TYR A 132 6.19 29.52 21.44
CA TYR A 132 6.26 30.41 20.32
C TYR A 132 5.24 30.02 19.31
N LEU A 133 5.19 28.76 19.01
CA LEU A 133 4.26 28.23 18.05
C LEU A 133 2.84 28.42 18.47
N ARG A 134 2.58 28.20 19.74
CA ARG A 134 1.26 28.43 20.23
C ARG A 134 0.97 29.88 20.11
N TRP A 135 1.92 30.71 20.44
CA TRP A 135 1.68 32.12 20.34
C TRP A 135 1.39 32.54 18.93
N VAL A 136 2.17 32.06 17.99
CA VAL A 136 1.95 32.44 16.62
C VAL A 136 0.60 32.00 16.18
N ALA A 137 0.20 30.84 16.65
CA ALA A 137 -1.05 30.23 16.32
C ALA A 137 -2.26 30.99 16.78
N SER A 138 -2.14 31.70 17.87
CA SER A 138 -3.25 32.36 18.49
C SER A 138 -3.72 33.44 17.61
N HIS A 139 -2.91 33.74 16.61
CA HIS A 139 -3.14 34.86 15.74
C HIS A 139 -3.97 34.47 14.58
N PHE A 140 -4.32 33.21 14.55
CA PHE A 140 -5.13 32.65 13.51
C PHE A 140 -6.28 31.88 14.09
N GLN A 141 -6.83 32.35 15.19
CA GLN A 141 -7.83 31.61 15.91
C GLN A 141 -9.06 31.35 15.09
N GLU A 142 -9.30 32.26 14.18
CA GLU A 142 -10.39 32.16 13.22
C GLU A 142 -10.20 31.07 12.21
N GLN A 143 -8.97 30.86 11.82
CA GLN A 143 -8.69 29.88 10.81
C GLN A 143 -8.42 28.50 11.34
N SER A 144 -8.20 28.39 12.62
CA SER A 144 -7.82 27.14 13.20
C SER A 144 -8.94 26.49 13.91
N ARG A 145 -9.13 25.20 13.67
CA ARG A 145 -10.13 24.43 14.34
C ARG A 145 -9.44 23.31 15.01
N TYR A 146 -9.51 23.27 16.32
CA TYR A 146 -8.77 22.30 17.09
C TYR A 146 -9.70 21.27 17.62
N GLY A 147 -9.16 20.13 17.97
CA GLY A 147 -9.95 19.08 18.55
C GLY A 147 -10.63 18.22 17.55
N GLU A 148 -10.34 18.47 16.28
CA GLU A 148 -10.89 17.77 15.14
C GLU A 148 -9.91 16.92 14.35
N GLU A 149 -10.07 15.62 14.37
CA GLU A 149 -9.22 14.71 13.62
C GLU A 149 -9.82 14.42 12.29
N VAL A 150 -9.05 14.58 11.24
CA VAL A 150 -9.56 14.40 9.91
C VAL A 150 -9.50 12.96 9.54
N LEU A 151 -10.63 12.42 9.12
CA LEU A 151 -10.74 11.03 8.80
C LEU A 151 -10.56 10.66 7.34
N ARG A 152 -11.18 11.37 6.44
CA ARG A 152 -10.99 11.06 5.05
C ARG A 152 -11.37 12.24 4.18
N ILE A 153 -10.93 12.25 2.94
CA ILE A 153 -11.30 13.30 2.02
C ILE A 153 -12.02 12.70 0.87
N GLU A 154 -13.21 13.17 0.56
CA GLU A 154 -14.01 12.62 -0.53
C GLU A 154 -14.10 13.59 -1.72
N PRO A 155 -14.13 13.10 -2.93
CA PRO A 155 -14.31 13.99 -4.05
C PRO A 155 -15.73 14.38 -4.21
N MET A 156 -15.99 15.61 -4.59
CA MET A 156 -17.33 15.98 -4.92
C MET A 156 -17.32 16.16 -6.40
N LEU A 157 -18.04 15.30 -7.08
CA LEU A 157 -18.00 15.27 -8.50
C LEU A 157 -19.18 15.90 -9.10
N SER A 158 -18.90 16.74 -10.08
CA SER A 158 -19.89 17.31 -10.91
C SER A 158 -19.42 16.99 -12.29
N ALA A 159 -20.15 16.17 -13.03
CA ALA A 159 -19.76 15.78 -14.38
C ALA A 159 -18.52 14.93 -14.47
N GLY A 160 -18.20 14.20 -13.43
CA GLY A 160 -17.08 13.29 -13.47
C GLY A 160 -15.78 13.98 -13.23
N GLN A 161 -15.85 15.27 -12.93
CA GLN A 161 -14.70 16.11 -12.63
C GLN A 161 -14.76 16.39 -11.18
N VAL A 162 -13.65 16.39 -10.47
CA VAL A 162 -13.72 16.67 -9.06
C VAL A 162 -13.63 18.14 -8.82
N GLU A 163 -14.77 18.79 -8.71
CA GLU A 163 -14.90 20.20 -8.41
C GLU A 163 -14.53 20.65 -7.02
N ALA A 164 -14.83 19.84 -6.02
CA ALA A 164 -14.58 20.22 -4.66
C ALA A 164 -14.21 19.01 -3.89
N LEU A 165 -13.85 19.19 -2.64
CA LEU A 165 -13.42 18.10 -1.78
C LEU A 165 -14.21 18.05 -0.50
N ARG A 166 -14.51 16.88 0.00
CA ARG A 166 -15.25 16.77 1.22
C ARG A 166 -14.31 16.34 2.28
N VAL A 167 -14.33 17.01 3.41
CA VAL A 167 -13.46 16.65 4.47
C VAL A 167 -14.26 16.20 5.62
N ILE A 168 -13.95 15.02 6.11
CA ILE A 168 -14.67 14.48 7.20
C ILE A 168 -13.75 14.38 8.36
N SER A 169 -14.08 15.05 9.44
CA SER A 169 -13.28 14.95 10.62
C SER A 169 -14.18 14.69 11.76
N ARG A 170 -13.64 14.12 12.81
CA ARG A 170 -14.42 13.80 13.98
C ARG A 170 -13.87 14.58 15.13
N ASN A 171 -14.72 15.26 15.87
CA ASN A 171 -14.24 16.01 17.00
C ASN A 171 -14.15 15.19 18.25
N ALA A 172 -13.71 15.83 19.31
CA ALA A 172 -13.49 15.17 20.58
C ALA A 172 -14.74 14.56 21.20
N ASP A 173 -15.85 15.26 21.08
CA ASP A 173 -17.11 14.79 21.62
C ASP A 173 -17.57 13.56 20.88
N GLY A 174 -16.95 13.32 19.73
CA GLY A 174 -17.31 12.20 18.88
C GLY A 174 -18.21 12.54 17.72
N GLU A 175 -18.50 13.81 17.54
CA GLU A 175 -19.37 14.26 16.47
C GLU A 175 -18.53 14.39 15.20
N GLU A 176 -18.95 13.80 14.09
CA GLU A 176 -18.24 13.95 12.82
C GLU A 176 -18.53 15.27 12.22
N LEU A 177 -17.65 15.80 11.41
CA LEU A 177 -17.95 17.04 10.71
C LEU A 177 -17.59 17.04 9.25
N VAL A 178 -18.46 17.56 8.39
CA VAL A 178 -18.17 17.60 6.97
C VAL A 178 -18.08 18.99 6.41
N ARG A 179 -16.98 19.30 5.76
CA ARG A 179 -16.78 20.62 5.22
C ARG A 179 -16.37 20.45 3.81
N THR A 180 -16.50 21.49 3.02
CA THR A 180 -16.19 21.43 1.61
C THR A 180 -15.15 22.44 1.24
N THR A 181 -14.16 22.05 0.47
CA THR A 181 -13.09 22.97 0.15
C THR A 181 -12.62 22.90 -1.26
N ARG A 182 -12.29 24.04 -1.83
CA ARG A 182 -11.73 24.11 -3.17
C ARG A 182 -10.36 23.50 -3.30
N ALA A 183 -9.56 23.62 -2.25
CA ALA A 183 -8.19 23.15 -2.24
C ALA A 183 -7.87 22.45 -0.94
N LEU A 184 -6.89 21.58 -0.95
CA LEU A 184 -6.52 20.91 0.27
C LEU A 184 -5.04 20.83 0.46
N VAL A 185 -4.57 21.01 1.69
CA VAL A 185 -3.19 20.77 2.01
C VAL A 185 -3.10 19.90 3.23
N VAL A 186 -2.33 18.85 3.15
CA VAL A 186 -2.22 17.91 4.21
C VAL A 186 -0.85 17.98 4.80
N SER A 187 -0.75 18.26 6.08
CA SER A 187 0.51 18.31 6.75
C SER A 187 0.30 17.74 8.10
N PRO A 188 0.19 16.43 8.20
CA PRO A 188 -0.13 15.76 9.46
C PRO A 188 1.04 15.24 10.29
N GLY A 189 2.28 15.42 9.86
CA GLY A 189 3.36 14.88 10.62
C GLY A 189 3.48 13.47 10.19
N GLY A 190 4.13 12.65 10.99
CA GLY A 190 4.40 11.29 10.63
C GLY A 190 3.73 10.40 11.62
N THR A 191 3.71 9.12 11.31
CA THR A 191 3.12 8.13 12.16
C THR A 191 4.25 7.30 12.70
N PRO A 192 4.12 6.87 13.93
CA PRO A 192 5.19 6.16 14.60
C PRO A 192 5.55 4.89 13.93
N ARG A 193 6.81 4.49 14.00
CA ARG A 193 7.22 3.27 13.37
C ARG A 193 7.35 2.20 14.40
N ILE A 194 6.66 1.10 14.19
CA ILE A 194 6.71 0.00 15.10
C ILE A 194 7.41 -1.09 14.39
N PRO A 195 8.41 -1.69 15.00
CA PRO A 195 9.10 -2.77 14.33
C PRO A 195 8.08 -3.87 14.31
N GLN A 196 8.25 -4.82 13.41
CA GLN A 196 7.30 -5.94 13.30
C GLN A 196 7.19 -6.69 14.62
N VAL A 197 8.27 -7.07 15.22
CA VAL A 197 8.11 -7.94 16.33
C VAL A 197 7.24 -7.35 17.41
N PHE A 198 7.08 -6.03 17.45
CA PHE A 198 6.23 -5.48 18.49
C PHE A 198 4.77 -5.31 18.15
N ARG A 199 4.42 -5.51 16.91
CA ARG A 199 3.08 -5.22 16.49
C ARG A 199 2.07 -6.05 17.23
N ALA A 200 2.52 -7.14 17.79
CA ALA A 200 1.65 -8.04 18.51
C ALA A 200 1.07 -7.36 19.69
N LEU A 201 1.81 -6.42 20.22
CA LEU A 201 1.50 -5.81 21.50
C LEU A 201 0.71 -4.52 21.43
N LYS A 202 0.09 -4.28 20.30
CA LYS A 202 -0.64 -3.05 20.16
C LYS A 202 -1.56 -3.15 21.34
N GLY A 203 -1.83 -2.04 21.99
CA GLY A 203 -2.79 -2.03 23.06
C GLY A 203 -2.33 -2.43 24.45
N ASP A 204 -1.06 -2.76 24.61
CA ASP A 204 -0.60 -3.05 25.92
C ASP A 204 0.05 -1.80 26.45
N GLY A 205 -0.40 -1.36 27.61
CA GLY A 205 0.06 -0.15 28.22
C GLY A 205 1.51 -0.27 28.54
N ARG A 206 1.96 -1.49 28.67
CA ARG A 206 3.33 -1.80 29.02
C ARG A 206 4.33 -1.41 27.97
N VAL A 207 3.92 -1.41 26.72
CA VAL A 207 4.80 -1.05 25.63
C VAL A 207 4.25 0.17 24.93
N PHE A 208 5.03 1.21 24.76
CA PHE A 208 4.51 2.37 24.07
C PHE A 208 5.55 3.12 23.33
N HIS A 209 5.18 3.77 22.25
CA HIS A 209 6.10 4.52 21.43
C HIS A 209 6.55 5.78 22.10
N HIS A 210 7.67 6.33 21.70
CA HIS A 210 8.17 7.48 22.38
C HIS A 210 7.21 8.60 22.24
N SER A 211 6.54 8.66 21.13
CA SER A 211 5.79 9.84 20.82
C SER A 211 4.80 10.06 21.89
N GLN A 212 4.42 9.00 22.55
CA GLN A 212 3.40 9.04 23.56
C GLN A 212 4.02 8.97 24.92
N TYR A 213 5.25 9.38 25.05
CA TYR A 213 6.02 9.16 26.24
C TYR A 213 5.51 9.77 27.53
N LEU A 214 5.12 11.02 27.52
CA LEU A 214 4.63 11.61 28.75
C LEU A 214 3.34 10.97 29.26
N GLU A 215 2.42 10.64 28.37
CA GLU A 215 1.16 10.07 28.81
C GLU A 215 1.34 8.74 29.51
N HIS A 216 2.09 7.87 28.89
CA HIS A 216 2.41 6.57 29.44
C HIS A 216 3.31 6.52 30.66
N MET A 217 4.18 7.49 30.86
CA MET A 217 5.05 7.44 32.00
C MET A 217 4.29 7.91 33.20
N ALA A 218 3.16 8.53 32.97
CA ALA A 218 2.36 8.99 34.08
C ALA A 218 1.62 7.81 34.63
N LYS A 219 2.02 6.63 34.20
CA LYS A 219 1.47 5.39 34.69
C LYS A 219 2.47 4.26 34.54
N PRO A 227 9.86 0.66 41.34
CA PRO A 227 11.18 0.22 40.90
C PRO A 227 11.03 -0.51 39.60
N MET A 228 11.45 0.08 38.51
CA MET A 228 11.18 -0.52 37.23
C MET A 228 12.36 -0.71 36.34
N LYS A 229 12.23 -1.68 35.44
CA LYS A 229 13.16 -1.91 34.37
C LYS A 229 12.38 -1.60 33.12
N ILE A 230 12.89 -0.70 32.31
CA ILE A 230 12.25 -0.26 31.08
C ILE A 230 13.27 -0.40 30.02
N ALA A 231 12.85 -0.65 28.81
CA ALA A 231 13.81 -0.80 27.75
C ALA A 231 13.54 0.20 26.67
N ILE A 232 14.57 0.64 26.00
CA ILE A 232 14.39 1.57 24.94
C ILE A 232 14.95 0.93 23.73
N ILE A 233 14.20 0.98 22.65
CA ILE A 233 14.60 0.39 21.41
C ILE A 233 14.92 1.49 20.45
N GLY A 234 16.10 1.45 19.86
CA GLY A 234 16.53 2.47 18.95
C GLY A 234 17.74 3.27 19.38
N GLY A 235 18.49 3.76 18.40
CA GLY A 235 19.71 4.50 18.61
C GLY A 235 19.73 5.94 18.18
N GLY A 236 18.56 6.48 17.95
CA GLY A 236 18.37 7.85 17.55
C GLY A 236 18.22 8.84 18.66
N GLN A 237 17.88 10.06 18.30
CA GLN A 237 17.71 11.10 19.26
C GLN A 237 16.61 10.82 20.21
N SER A 238 15.54 10.31 19.66
CA SER A 238 14.37 10.04 20.44
C SER A 238 14.77 8.98 21.45
N ALA A 239 15.61 8.05 21.07
CA ALA A 239 16.08 7.07 22.01
C ALA A 239 16.97 7.69 23.06
N ALA A 240 17.90 8.51 22.65
CA ALA A 240 18.79 9.11 23.62
C ALA A 240 18.06 9.98 24.58
N GLU A 241 17.12 10.74 24.07
CA GLU A 241 16.36 11.61 24.92
C GLU A 241 15.54 10.88 25.94
N ALA A 242 14.99 9.75 25.57
CA ALA A 242 14.26 8.99 26.54
C ALA A 242 15.17 8.52 27.62
N PHE A 243 16.34 8.06 27.25
CA PHE A 243 17.24 7.55 28.25
C PHE A 243 17.71 8.57 29.25
N ILE A 244 18.12 9.72 28.79
CA ILE A 244 18.57 10.69 29.75
C ILE A 244 17.44 11.14 30.61
N ASP A 245 16.25 11.20 30.06
CA ASP A 245 15.13 11.63 30.83
C ASP A 245 14.83 10.67 31.92
N LEU A 246 14.87 9.40 31.61
CA LEU A 246 14.63 8.40 32.62
C LEU A 246 15.69 8.44 33.68
N ASN A 247 16.91 8.59 33.26
CA ASN A 247 17.97 8.59 34.22
C ASN A 247 17.83 9.75 35.17
N ASP A 248 17.64 10.91 34.60
CA ASP A 248 17.48 12.13 35.34
C ASP A 248 16.22 12.28 36.16
N SER A 249 15.09 11.89 35.59
CA SER A 249 13.81 12.05 36.27
C SER A 249 13.30 10.89 37.08
N TYR A 250 13.77 9.69 36.81
CA TYR A 250 13.24 8.50 37.45
C TYR A 250 14.28 7.60 38.07
N PRO A 251 14.68 7.91 39.29
CA PRO A 251 15.72 7.18 39.98
C PRO A 251 15.37 5.75 40.25
N SER A 252 14.07 5.51 40.27
CA SER A 252 13.53 4.19 40.51
C SER A 252 13.86 3.30 39.36
N VAL A 253 13.92 3.92 38.19
CA VAL A 253 14.11 3.24 36.93
C VAL A 253 15.54 2.89 36.54
N GLN A 254 15.68 1.71 35.96
CA GLN A 254 16.90 1.24 35.39
C GLN A 254 16.52 1.02 33.99
N ALA A 255 17.35 1.50 33.08
CA ALA A 255 17.02 1.52 31.68
C ALA A 255 18.04 0.80 30.87
N ASP A 256 17.57 0.13 29.83
CA ASP A 256 18.43 -0.53 28.91
C ASP A 256 18.15 0.10 27.59
N MET A 257 19.21 0.41 26.87
CA MET A 257 19.09 0.93 25.54
C MET A 257 19.55 -0.23 24.73
N ILE A 258 18.68 -0.72 23.87
CA ILE A 258 19.01 -1.84 23.05
C ILE A 258 19.33 -1.34 21.69
N LEU A 259 20.59 -1.40 21.29
CA LEU A 259 20.95 -0.92 19.95
C LEU A 259 21.41 -2.01 18.98
N ARG A 260 20.76 -2.04 17.81
CA ARG A 260 21.13 -2.95 16.75
C ARG A 260 22.43 -2.39 16.26
N ALA A 261 22.52 -1.09 16.17
CA ALA A 261 23.73 -0.48 15.74
C ALA A 261 24.74 -0.67 16.82
N SER A 262 25.99 -0.56 16.46
CA SER A 262 27.11 -0.66 17.36
C SER A 262 27.24 0.45 18.36
N ALA A 263 26.90 1.65 17.94
CA ALA A 263 27.12 2.82 18.76
C ALA A 263 26.17 3.92 18.40
N LEU A 264 26.26 5.01 19.12
CA LEU A 264 25.44 6.16 18.82
C LEU A 264 26.30 7.02 17.97
N LYS A 265 25.74 7.52 16.88
CA LYS A 265 26.47 8.31 15.94
C LYS A 265 25.98 9.70 16.09
N PRO A 266 26.88 10.65 15.95
CA PRO A 266 26.59 12.07 16.15
C PRO A 266 25.80 12.75 15.08
N ALA A 267 24.80 13.54 15.41
CA ALA A 267 24.13 14.25 14.36
C ALA A 267 25.15 15.15 13.76
N ASP A 268 25.14 15.29 12.46
CA ASP A 268 26.13 16.08 11.82
C ASP A 268 25.59 17.40 11.36
N ASP A 269 26.08 18.49 11.95
CA ASP A 269 25.63 19.81 11.58
C ASP A 269 26.65 20.74 11.00
N SER A 270 27.76 20.25 10.49
CA SER A 270 28.78 21.16 10.06
C SER A 270 28.36 21.95 8.87
N PRO A 271 28.96 23.11 8.70
CA PRO A 271 28.45 24.10 7.77
C PRO A 271 28.40 23.69 6.35
N PHE A 272 29.43 23.06 5.84
CA PHE A 272 29.34 22.70 4.46
C PHE A 272 28.25 21.72 4.32
N VAL A 273 28.22 20.76 5.20
CA VAL A 273 27.19 19.76 5.17
C VAL A 273 25.82 20.32 5.38
N ASN A 274 25.68 21.25 6.28
CA ASN A 274 24.38 21.74 6.62
C ASN A 274 23.80 22.44 5.44
N GLU A 275 24.58 22.64 4.43
CA GLU A 275 24.12 23.41 3.29
C GLU A 275 23.06 22.66 2.57
N VAL A 276 22.79 21.44 3.00
CA VAL A 276 21.82 20.58 2.35
C VAL A 276 20.44 20.83 2.84
N PHE A 277 20.31 21.65 3.83
CA PHE A 277 19.01 21.97 4.34
C PHE A 277 18.66 23.33 3.82
N ALA A 278 19.42 23.76 2.84
CA ALA A 278 19.23 25.05 2.26
C ALA A 278 18.08 25.06 1.30
N PRO A 279 17.46 26.20 1.15
CA PRO A 279 16.40 26.37 0.19
C PRO A 279 16.89 26.16 -1.22
N LYS A 280 18.11 26.59 -1.51
CA LYS A 280 18.71 26.45 -2.81
C LYS A 280 18.85 24.98 -3.16
N PHE A 281 19.06 24.16 -2.15
CA PHE A 281 19.18 22.73 -2.31
C PHE A 281 17.94 22.02 -2.79
N THR A 282 16.77 22.52 -2.44
CA THR A 282 15.56 21.87 -2.81
C THR A 282 15.50 21.83 -4.31
N ASP A 283 15.93 22.92 -4.93
CA ASP A 283 15.96 23.03 -6.37
C ASP A 283 16.88 22.01 -6.99
N LEU A 284 18.08 21.91 -6.45
CA LEU A 284 19.08 21.05 -7.01
C LEU A 284 18.72 19.61 -6.90
N ILE A 285 18.27 19.20 -5.74
CA ILE A 285 17.89 17.81 -5.54
C ILE A 285 16.71 17.41 -6.37
N TYR A 286 15.80 18.33 -6.58
CA TYR A 286 14.61 18.03 -7.34
C TYR A 286 14.89 17.67 -8.79
N SER A 287 15.94 18.27 -9.31
CA SER A 287 16.32 18.15 -10.69
C SER A 287 17.24 16.99 -10.99
N ARG A 288 17.61 16.25 -9.97
CA ARG A 288 18.46 15.13 -10.13
C ARG A 288 17.68 13.92 -10.54
N GLU A 289 18.36 12.97 -11.13
CA GLU A 289 17.70 11.77 -11.54
C GLU A 289 17.42 11.06 -10.26
N HIS A 290 16.57 10.05 -10.30
CA HIS A 290 16.15 9.37 -9.11
C HIS A 290 17.33 8.74 -8.45
N ALA A 291 18.27 8.28 -9.25
CA ALA A 291 19.43 7.62 -8.68
C ALA A 291 20.27 8.54 -7.83
N GLU A 292 20.56 9.73 -8.33
CA GLU A 292 21.36 10.66 -7.58
C GLU A 292 20.65 11.09 -6.33
N ARG A 293 19.34 11.25 -6.40
CA ARG A 293 18.62 11.72 -5.23
C ARG A 293 18.81 10.79 -4.07
N GLU A 294 18.64 9.51 -4.30
CA GLU A 294 18.82 8.58 -3.22
C GLU A 294 20.24 8.60 -2.74
N ARG A 295 21.17 8.83 -3.65
CA ARG A 295 22.55 8.80 -3.27
C ARG A 295 22.77 9.88 -2.27
N LEU A 296 22.26 11.05 -2.60
CA LEU A 296 22.41 12.20 -1.75
C LEU A 296 21.73 11.98 -0.44
N LEU A 297 20.59 11.34 -0.46
CA LEU A 297 19.91 11.01 0.77
C LEU A 297 20.68 10.02 1.62
N ARG A 298 21.32 9.03 1.01
CA ARG A 298 22.17 8.12 1.75
C ARG A 298 23.40 8.81 2.33
N GLU A 299 24.03 9.64 1.53
CA GLU A 299 25.26 10.29 1.90
C GLU A 299 25.04 11.23 3.02
N TYR A 300 23.80 11.65 3.17
CA TYR A 300 23.43 12.65 4.16
C TYR A 300 22.43 12.21 5.22
N HIS A 301 22.17 10.93 5.33
CA HIS A 301 21.15 10.42 6.20
C HIS A 301 21.54 10.88 7.57
N ASN A 302 22.82 10.97 7.82
CA ASN A 302 23.31 11.23 9.15
C ASN A 302 23.16 12.63 9.64
N THR A 303 22.61 13.50 8.83
CA THR A 303 22.26 14.82 9.28
C THR A 303 21.14 14.79 10.27
N ASN A 304 20.25 13.84 10.07
CA ASN A 304 19.02 13.78 10.82
C ASN A 304 18.60 12.45 11.46
N TYR A 305 18.80 11.33 10.78
CA TYR A 305 18.20 10.08 11.24
C TYR A 305 19.14 9.07 11.82
N SER A 306 18.79 8.53 12.98
CA SER A 306 19.58 7.53 13.66
C SER A 306 20.83 8.12 14.22
N VAL A 307 20.77 9.40 14.53
CA VAL A 307 21.91 10.11 15.04
C VAL A 307 21.49 10.89 16.23
N VAL A 308 22.41 11.09 17.15
CA VAL A 308 22.17 11.87 18.33
C VAL A 308 23.04 13.11 18.36
N ASP A 309 22.60 14.11 19.08
CA ASP A 309 23.30 15.35 19.24
C ASP A 309 24.62 15.15 19.89
N THR A 310 25.67 15.82 19.43
CA THR A 310 26.97 15.51 19.95
C THR A 310 27.10 15.61 21.45
N ASP A 311 26.62 16.70 22.01
CA ASP A 311 26.63 16.84 23.45
C ASP A 311 25.88 15.82 24.27
N LEU A 312 24.78 15.33 23.73
CA LEU A 312 23.98 14.29 24.35
C LEU A 312 24.68 12.96 24.39
N ILE A 313 25.42 12.64 23.36
CA ILE A 313 26.14 11.39 23.38
C ILE A 313 27.14 11.37 24.49
N GLU A 314 27.83 12.45 24.70
CA GLU A 314 28.80 12.50 25.73
C GLU A 314 28.16 12.25 27.06
N ARG A 315 27.06 12.93 27.27
CA ARG A 315 26.39 12.86 28.54
C ARG A 315 25.87 11.48 28.81
N ILE A 316 25.39 10.81 27.79
CA ILE A 316 25.02 9.42 27.91
C ILE A 316 26.27 8.65 28.13
N TYR A 317 27.33 8.98 27.43
CA TYR A 317 28.57 8.26 27.60
C TYR A 317 29.06 8.44 28.98
N GLY A 318 28.91 9.64 29.50
CA GLY A 318 29.38 9.91 30.82
C GLY A 318 28.66 9.11 31.85
N VAL A 319 27.39 8.93 31.63
CA VAL A 319 26.58 8.24 32.58
C VAL A 319 27.07 6.83 32.75
N PHE A 320 27.36 6.16 31.65
CA PHE A 320 27.92 4.84 31.71
C PHE A 320 29.28 4.82 32.25
N TYR A 321 30.05 5.84 31.98
CA TYR A 321 31.38 5.84 32.49
C TYR A 321 31.27 5.81 33.98
N ARG A 322 30.38 6.60 34.52
CA ARG A 322 30.23 6.70 35.95
C ARG A 322 29.85 5.41 36.60
N GLN A 323 29.18 4.56 35.87
CA GLN A 323 28.80 3.29 36.38
C GLN A 323 30.02 2.47 36.63
N LYS A 324 30.97 2.58 35.73
CA LYS A 324 32.17 1.82 35.88
C LYS A 324 32.83 2.27 37.13
N VAL A 325 32.77 3.55 37.41
CA VAL A 325 33.37 4.07 38.61
C VAL A 325 32.68 3.64 39.87
N SER A 326 31.38 3.88 39.92
CA SER A 326 30.56 3.52 41.04
C SER A 326 30.53 2.04 41.19
N GLY A 327 30.50 1.35 40.09
CA GLY A 327 30.44 -0.09 40.13
C GLY A 327 29.01 -0.51 40.32
N ILE A 328 28.11 0.45 40.25
CA ILE A 328 26.70 0.16 40.35
C ILE A 328 26.13 0.22 38.98
N PRO A 329 25.80 -0.93 38.42
CA PRO A 329 25.33 -1.03 37.06
C PRO A 329 23.84 -0.85 36.91
N ARG A 330 23.32 0.33 37.12
CA ARG A 330 21.90 0.57 36.98
C ARG A 330 21.37 0.37 35.58
N HIS A 331 22.08 0.88 34.60
CA HIS A 331 21.64 0.91 33.22
C HIS A 331 22.54 0.08 32.35
N ALA A 332 22.05 -0.28 31.18
CA ALA A 332 22.79 -1.10 30.25
C ALA A 332 22.81 -0.59 28.84
N PHE A 333 23.96 -0.61 28.22
CA PHE A 333 24.05 -0.20 26.85
C PHE A 333 24.18 -1.42 26.01
N ARG A 334 23.07 -1.93 25.54
CA ARG A 334 23.10 -3.10 24.74
C ARG A 334 23.23 -2.77 23.27
N CYS A 335 24.40 -2.35 22.86
CA CYS A 335 24.62 -2.08 21.46
C CYS A 335 24.64 -3.41 20.79
N MET A 336 24.26 -3.47 19.53
CA MET A 336 24.39 -4.71 18.81
C MET A 336 23.25 -5.63 19.08
N THR A 337 22.27 -5.20 19.82
CA THR A 337 21.22 -6.12 20.14
C THR A 337 19.96 -5.97 19.36
N THR A 338 19.45 -7.08 18.93
CA THR A 338 18.30 -7.16 18.08
C THR A 338 17.24 -7.90 18.82
N VAL A 339 16.05 -7.34 18.89
CA VAL A 339 14.98 -8.00 19.58
C VAL A 339 14.39 -8.96 18.61
N GLU A 340 14.42 -10.25 18.94
CA GLU A 340 13.83 -11.26 18.06
C GLU A 340 12.45 -11.74 18.45
N ARG A 341 12.17 -11.80 19.74
CA ARG A 341 10.86 -12.22 20.18
C ARG A 341 10.39 -11.34 21.30
N ALA A 342 9.19 -10.82 21.21
CA ALA A 342 8.66 -10.04 22.29
C ALA A 342 7.31 -10.56 22.66
N THR A 343 7.12 -10.95 23.92
CA THR A 343 5.84 -11.44 24.36
C THR A 343 5.44 -10.90 25.71
N ALA A 344 4.15 -10.67 25.87
CA ALA A 344 3.57 -10.14 27.08
C ALA A 344 3.58 -11.15 28.19
N THR A 345 3.52 -10.68 29.42
CA THR A 345 3.40 -11.58 30.53
C THR A 345 2.90 -10.96 31.81
N ALA A 346 2.55 -11.81 32.75
CA ALA A 346 2.06 -11.35 34.03
C ALA A 346 3.20 -10.65 34.68
N GLN A 347 4.39 -11.22 34.54
CA GLN A 347 5.60 -10.64 35.10
C GLN A 347 6.02 -9.33 34.53
N GLY A 348 6.00 -9.26 33.22
CA GLY A 348 6.53 -8.12 32.48
C GLY A 348 6.62 -8.55 31.05
N ILE A 349 7.48 -7.90 30.28
CA ILE A 349 7.59 -8.19 28.86
C ILE A 349 8.88 -8.89 28.48
N GLU A 350 8.75 -10.01 27.79
CA GLU A 350 9.87 -10.88 27.53
C GLU A 350 10.42 -10.60 26.18
N LEU A 351 11.71 -10.34 26.13
CA LEU A 351 12.40 -10.07 24.88
C LEU A 351 13.54 -11.00 24.72
N ALA A 352 13.73 -11.48 23.51
CA ALA A 352 14.82 -12.35 23.24
C ALA A 352 15.74 -11.46 22.52
N LEU A 353 16.96 -11.31 23.02
CA LEU A 353 17.88 -10.40 22.43
C LEU A 353 19.02 -11.14 21.86
N ARG A 354 19.33 -10.84 20.63
CA ARG A 354 20.43 -11.47 19.99
C ARG A 354 21.51 -10.45 20.05
N ASP A 355 22.67 -10.81 20.57
CA ASP A 355 23.76 -9.87 20.61
C ASP A 355 24.76 -10.31 19.59
N ALA A 356 24.93 -9.54 18.53
CA ALA A 356 25.87 -9.93 17.50
C ALA A 356 27.28 -9.86 18.04
N GLY A 357 28.15 -10.69 17.53
CA GLY A 357 29.53 -10.65 17.92
C GLY A 357 29.73 -11.51 19.13
N SER A 358 28.63 -11.87 19.76
CA SER A 358 28.63 -12.86 20.79
C SER A 358 27.88 -13.97 20.14
N GLY A 359 26.85 -13.57 19.42
CA GLY A 359 26.04 -14.48 18.64
C GLY A 359 25.04 -15.06 19.58
N GLU A 360 25.23 -14.78 20.86
CA GLU A 360 24.34 -15.27 21.90
C GLU A 360 22.94 -14.74 21.83
N LEU A 361 21.97 -15.57 22.19
CA LEU A 361 20.61 -15.14 22.38
C LEU A 361 20.20 -15.26 23.80
N SER A 362 19.80 -14.16 24.41
CA SER A 362 19.44 -14.15 25.82
C SER A 362 18.14 -13.46 26.09
N VAL A 363 17.49 -13.85 27.18
CA VAL A 363 16.18 -13.36 27.50
C VAL A 363 16.21 -12.43 28.68
N GLU A 364 15.52 -11.31 28.54
CA GLU A 364 15.43 -10.33 29.57
C GLU A 364 14.00 -9.93 29.63
N THR A 365 13.56 -9.54 30.81
CA THR A 365 12.20 -9.18 31.02
C THR A 365 12.19 -7.82 31.64
N TYR A 366 11.32 -6.97 31.12
CA TYR A 366 11.27 -5.60 31.51
C TYR A 366 9.88 -5.25 31.92
N ASP A 367 9.79 -4.34 32.87
CA ASP A 367 8.52 -3.85 33.33
C ASP A 367 7.81 -3.10 32.24
N ALA A 368 8.56 -2.34 31.47
CA ALA A 368 8.01 -1.59 30.36
C ALA A 368 8.99 -1.50 29.23
N VAL A 369 8.50 -1.24 28.04
CA VAL A 369 9.35 -1.06 26.89
C VAL A 369 8.99 0.20 26.17
N ILE A 370 10.00 0.91 25.71
CA ILE A 370 9.77 2.16 25.00
C ILE A 370 10.30 2.05 23.61
N LEU A 371 9.50 2.41 22.63
CA LEU A 371 9.91 2.28 21.28
C LEU A 371 10.21 3.65 20.81
N ALA A 372 11.45 3.85 20.42
CA ALA A 372 11.89 5.14 20.01
C ALA A 372 12.44 4.84 18.66
N THR A 373 11.57 4.26 17.87
CA THR A 373 11.92 3.74 16.59
C THR A 373 11.66 4.69 15.45
N GLY A 374 11.16 5.86 15.76
CA GLY A 374 10.95 6.82 14.70
C GLY A 374 9.62 6.90 14.06
N TYR A 375 9.58 7.53 12.91
CA TYR A 375 8.34 7.82 12.27
C TYR A 375 8.40 7.44 10.82
N GLU A 376 7.25 7.24 10.22
CA GLU A 376 7.15 6.94 8.82
C GLU A 376 6.26 7.98 8.21
N ARG A 377 6.65 8.58 7.11
CA ARG A 377 5.72 9.50 6.48
C ARG A 377 5.37 8.84 5.18
N GLN A 378 4.25 8.14 5.13
CA GLN A 378 3.81 7.49 3.91
C GLN A 378 2.51 8.18 3.57
N LEU A 379 2.47 8.69 2.35
CA LEU A 379 1.47 9.66 1.97
C LEU A 379 0.05 9.27 1.73
N HIS A 380 -0.19 8.09 1.22
CA HIS A 380 -1.56 7.74 0.99
C HIS A 380 -1.91 6.78 2.08
N ARG A 381 -2.59 7.26 3.11
CA ARG A 381 -3.10 6.37 4.15
C ARG A 381 -4.55 6.16 3.86
N GLN A 382 -5.28 5.68 4.81
CA GLN A 382 -6.67 5.51 4.54
C GLN A 382 -7.25 6.87 4.27
N LEU A 383 -6.52 7.88 4.63
CA LEU A 383 -7.03 9.23 4.55
C LEU A 383 -7.33 9.80 3.18
N LEU A 384 -6.47 9.52 2.24
CA LEU A 384 -6.61 10.04 0.88
C LEU A 384 -7.04 9.00 -0.12
N GLU A 385 -7.51 7.89 0.35
CA GLU A 385 -7.82 6.78 -0.52
C GLU A 385 -8.87 7.11 -1.53
N PRO A 386 -9.84 7.89 -1.13
CA PRO A 386 -10.97 8.16 -1.98
C PRO A 386 -10.54 8.85 -3.21
N LEU A 387 -9.38 9.49 -3.16
CA LEU A 387 -8.87 10.17 -4.32
C LEU A 387 -7.88 9.36 -5.08
N ALA A 388 -7.67 8.11 -4.71
CA ALA A 388 -6.54 7.41 -5.24
C ALA A 388 -6.64 7.42 -6.71
N GLU A 389 -7.85 7.22 -7.17
CA GLU A 389 -8.14 7.10 -8.57
C GLU A 389 -7.68 8.28 -9.38
N TYR A 390 -7.63 9.43 -8.73
CA TYR A 390 -7.25 10.68 -9.36
C TYR A 390 -5.81 11.10 -9.15
N LEU A 391 -5.10 10.44 -8.26
CA LEU A 391 -3.73 10.80 -8.00
C LEU A 391 -2.86 10.14 -9.02
N GLY A 392 -1.96 10.90 -9.62
CA GLY A 392 -1.08 10.37 -10.63
C GLY A 392 0.12 9.58 -10.18
N ASP A 393 0.75 8.89 -11.11
CA ASP A 393 2.02 8.19 -10.89
C ASP A 393 3.20 9.10 -10.61
N HIS A 394 3.28 10.22 -11.33
CA HIS A 394 4.40 11.10 -11.24
C HIS A 394 4.45 11.66 -9.84
N GLU A 395 5.63 12.01 -9.39
CA GLU A 395 5.86 12.43 -8.03
C GLU A 395 5.29 13.81 -7.76
N ILE A 396 5.34 14.20 -6.50
CA ILE A 396 4.72 15.38 -6.02
C ILE A 396 5.32 16.48 -6.78
N GLY A 397 4.62 17.58 -6.95
CA GLY A 397 5.13 18.68 -7.72
C GLY A 397 6.20 19.46 -7.03
N ARG A 398 6.96 20.22 -7.80
CA ARG A 398 8.02 21.02 -7.26
C ARG A 398 7.37 21.99 -6.31
N ASP A 399 6.13 22.33 -6.60
CA ASP A 399 5.39 23.29 -5.81
C ASP A 399 4.65 22.62 -4.69
N TYR A 400 4.88 21.33 -4.55
CA TYR A 400 4.30 20.50 -3.51
C TYR A 400 2.86 20.16 -3.73
N ARG A 401 2.42 20.23 -4.96
CA ARG A 401 1.08 19.87 -5.32
C ARG A 401 1.13 18.52 -5.93
N LEU A 402 0.29 17.60 -5.47
CA LEU A 402 0.27 16.29 -6.06
C LEU A 402 -0.25 16.43 -7.46
N GLN A 403 0.31 15.70 -8.41
CA GLN A 403 -0.19 15.73 -9.76
C GLN A 403 -1.46 14.91 -9.85
N THR A 404 -2.36 15.27 -10.75
CA THR A 404 -3.65 14.60 -10.83
C THR A 404 -4.20 14.50 -12.23
N ASP A 405 -5.37 13.88 -12.34
CA ASP A 405 -6.10 13.69 -13.58
C ASP A 405 -6.59 15.02 -14.05
N GLU A 406 -6.91 15.13 -15.32
CA GLU A 406 -7.47 16.37 -15.79
C GLU A 406 -8.85 16.40 -15.20
N ARG A 407 -9.29 15.27 -14.69
CA ARG A 407 -10.58 15.16 -14.04
C ARG A 407 -10.62 15.99 -12.81
N CYS A 408 -9.48 16.06 -12.15
CA CYS A 408 -9.36 16.72 -10.87
C CYS A 408 -9.05 18.17 -11.04
N LYS A 409 -9.96 19.02 -10.67
CA LYS A 409 -9.77 20.44 -10.82
C LYS A 409 -9.35 21.11 -9.52
N VAL A 410 -9.51 20.45 -8.40
CA VAL A 410 -9.11 20.98 -7.12
C VAL A 410 -7.64 20.78 -7.02
N ALA A 411 -7.02 21.34 -6.00
CA ALA A 411 -5.59 21.19 -5.78
C ALA A 411 -5.33 20.59 -4.44
N ILE A 412 -4.38 19.68 -4.39
CA ILE A 412 -4.04 18.99 -3.19
C ILE A 412 -2.59 19.19 -3.02
N TYR A 413 -2.18 19.50 -1.82
CA TYR A 413 -0.81 19.83 -1.56
C TYR A 413 -0.41 19.03 -0.38
N ALA A 414 0.87 18.79 -0.20
CA ALA A 414 1.33 18.08 0.95
C ALA A 414 2.65 18.64 1.41
N GLN A 415 2.86 18.66 2.72
CA GLN A 415 4.11 19.09 3.31
C GLN A 415 4.66 18.00 4.21
N GLY A 416 5.92 17.66 4.01
CA GLY A 416 6.59 16.62 4.75
C GLY A 416 6.59 15.24 4.15
N PHE A 417 5.96 15.09 3.00
CA PHE A 417 5.87 13.79 2.36
C PHE A 417 6.69 13.64 1.11
N SER A 418 7.48 14.65 0.81
CA SER A 418 8.29 14.70 -0.39
C SER A 418 9.77 14.55 -0.12
N GLN A 419 10.13 13.89 0.95
CA GLN A 419 11.53 13.82 1.26
C GLN A 419 12.27 13.20 0.13
N ALA A 420 11.65 12.26 -0.55
CA ALA A 420 12.32 11.55 -1.61
C ALA A 420 12.74 12.48 -2.71
N SER A 421 11.91 13.46 -3.00
CA SER A 421 12.17 14.38 -4.09
C SER A 421 12.57 15.78 -3.69
N HIS A 422 12.22 16.19 -2.49
CA HIS A 422 12.50 17.55 -2.06
C HIS A 422 13.62 17.70 -1.06
N GLY A 423 14.25 16.61 -0.67
CA GLY A 423 15.34 16.67 0.28
C GLY A 423 15.07 16.56 1.78
N LEU A 424 16.17 16.54 2.52
CA LEU A 424 16.16 16.30 3.94
C LEU A 424 15.45 17.38 4.68
N SER A 425 15.36 18.54 4.05
CA SER A 425 14.71 19.68 4.64
C SER A 425 13.23 19.45 4.77
N ASP A 426 12.72 18.51 4.02
CA ASP A 426 11.28 18.34 3.94
C ASP A 426 10.56 18.01 5.24
N THR A 427 11.06 17.06 5.99
CA THR A 427 10.41 16.68 7.21
C THR A 427 10.67 17.62 8.37
N LEU A 428 11.58 18.55 8.16
CA LEU A 428 12.05 19.47 9.17
C LEU A 428 11.44 20.86 9.18
N LEU A 429 11.99 21.73 10.02
CA LEU A 429 11.58 23.11 10.12
C LEU A 429 12.42 23.95 9.20
N SER A 430 13.31 23.31 8.49
CA SER A 430 14.32 23.99 7.71
C SER A 430 13.86 24.97 6.64
N VAL A 431 12.90 24.61 5.83
CA VAL A 431 12.45 25.52 4.78
C VAL A 431 11.02 26.01 4.80
N LEU A 432 10.38 25.93 5.94
CA LEU A 432 8.98 26.20 6.00
C LEU A 432 8.66 27.57 5.53
N PRO A 433 9.52 28.50 5.84
CA PRO A 433 9.25 29.87 5.47
C PRO A 433 9.19 29.97 3.96
N VAL A 434 10.15 29.37 3.28
CA VAL A 434 10.18 29.30 1.85
C VAL A 434 9.12 28.42 1.24
N ARG A 435 8.93 27.26 1.81
CA ARG A 435 7.98 26.33 1.26
C ARG A 435 6.63 26.93 1.27
N ALA A 436 6.30 27.63 2.32
CA ALA A 436 5.03 28.25 2.47
C ALA A 436 4.74 29.30 1.42
N GLU A 437 5.75 30.05 1.02
CA GLU A 437 5.58 31.02 0.00
C GLU A 437 5.32 30.38 -1.33
N GLU A 438 6.00 29.29 -1.59
CA GLU A 438 5.78 28.60 -2.83
C GLU A 438 4.38 28.07 -2.90
N ILE A 439 3.94 27.40 -1.85
CA ILE A 439 2.60 26.87 -1.84
C ILE A 439 1.48 27.86 -1.91
N SER A 440 1.56 28.94 -1.16
CA SER A 440 0.54 29.94 -1.21
C SER A 440 0.55 30.52 -2.57
N GLY A 441 1.72 30.57 -3.16
CA GLY A 441 1.88 31.12 -4.49
C GLY A 441 1.13 30.32 -5.51
N SER A 442 1.25 29.01 -5.44
CA SER A 442 0.50 28.15 -6.31
C SER A 442 -0.96 28.20 -6.01
N LEU A 443 -1.29 28.20 -4.74
CA LEU A 443 -2.67 28.15 -4.37
C LEU A 443 -3.33 29.37 -4.89
N TYR A 444 -2.75 30.52 -4.68
CA TYR A 444 -3.39 31.70 -5.21
C TYR A 444 -3.46 31.60 -6.71
N GLN A 445 -2.40 31.16 -7.34
CA GLN A 445 -2.41 31.02 -8.79
C GLN A 445 -3.44 30.00 -9.20
N HIS A 446 -3.63 28.95 -8.42
CA HIS A 446 -4.64 27.98 -8.77
C HIS A 446 -6.02 28.56 -8.64
N LEU A 447 -6.26 29.23 -7.51
CA LEU A 447 -7.56 29.85 -7.25
C LEU A 447 -7.87 30.92 -8.28
N LYS A 448 -6.86 31.71 -8.63
CA LYS A 448 -7.03 32.78 -9.61
C LYS A 448 -6.47 32.38 -10.97
N VAL B 29 -32.81 -24.17 5.62
CA VAL B 29 -32.85 -22.75 5.33
C VAL B 29 -31.48 -22.19 5.66
N VAL B 30 -30.65 -22.97 6.36
CA VAL B 30 -29.30 -22.52 6.69
C VAL B 30 -28.18 -23.47 6.19
N HIS B 31 -27.24 -22.90 5.42
CA HIS B 31 -26.25 -23.65 4.65
C HIS B 31 -24.90 -23.91 5.29
N ASP B 32 -24.40 -25.12 5.08
CA ASP B 32 -23.12 -25.52 5.62
C ASP B 32 -22.00 -24.67 5.08
N LEU B 33 -22.03 -24.40 3.80
CA LEU B 33 -21.01 -23.58 3.19
C LEU B 33 -21.56 -22.85 2.01
N ILE B 34 -21.15 -21.64 1.80
CA ILE B 34 -21.52 -20.93 0.60
C ILE B 34 -20.23 -20.36 0.12
N GLY B 35 -20.09 -20.29 -1.19
CA GLY B 35 -18.87 -19.79 -1.75
C GLY B 35 -19.15 -18.69 -2.73
N VAL B 36 -18.18 -17.83 -2.90
CA VAL B 36 -18.34 -16.75 -3.82
C VAL B 36 -17.66 -17.16 -5.08
N GLY B 37 -18.42 -17.37 -6.12
CA GLY B 37 -17.88 -17.69 -7.42
C GLY B 37 -17.80 -19.16 -7.64
N PHE B 38 -18.00 -19.60 -8.85
CA PHE B 38 -17.89 -20.99 -9.17
C PHE B 38 -17.02 -21.10 -10.37
N GLY B 39 -15.80 -20.66 -10.21
CA GLY B 39 -14.75 -20.73 -11.19
C GLY B 39 -14.11 -22.02 -10.81
N PRO B 40 -12.90 -22.22 -11.25
CA PRO B 40 -12.20 -23.46 -10.98
C PRO B 40 -11.96 -23.70 -9.54
N SER B 41 -11.55 -22.69 -8.80
CA SER B 41 -11.17 -22.97 -7.46
C SER B 41 -12.26 -23.61 -6.67
N ASN B 42 -13.43 -23.02 -6.72
CA ASN B 42 -14.61 -23.57 -6.09
C ASN B 42 -15.26 -24.75 -6.79
N ILE B 43 -15.05 -24.85 -8.08
CA ILE B 43 -15.51 -26.01 -8.79
C ILE B 43 -14.65 -27.12 -8.28
N ALA B 44 -13.39 -26.87 -8.16
CA ALA B 44 -12.50 -27.91 -7.76
C ALA B 44 -12.89 -28.36 -6.41
N LEU B 45 -13.23 -27.44 -5.54
CA LEU B 45 -13.65 -27.75 -4.20
C LEU B 45 -14.94 -28.51 -4.16
N ALA B 46 -15.82 -28.22 -5.08
CA ALA B 46 -17.12 -28.80 -5.09
C ALA B 46 -16.94 -30.26 -5.21
N ILE B 47 -15.97 -30.63 -6.02
CA ILE B 47 -15.68 -32.02 -6.22
C ILE B 47 -15.16 -32.76 -5.03
N ALA B 48 -14.22 -32.16 -4.33
CA ALA B 48 -13.64 -32.76 -3.16
C ALA B 48 -14.71 -32.94 -2.14
N LEU B 49 -15.61 -32.00 -2.07
CA LEU B 49 -16.69 -32.09 -1.14
C LEU B 49 -17.56 -33.26 -1.41
N GLN B 50 -17.80 -33.57 -2.67
CA GLN B 50 -18.60 -34.72 -3.03
C GLN B 50 -17.88 -35.98 -2.63
N GLU B 51 -16.57 -35.94 -2.73
CA GLU B 51 -15.74 -37.09 -2.44
C GLU B 51 -15.73 -37.46 -0.97
N ARG B 52 -15.66 -36.47 -0.09
CA ARG B 52 -15.76 -36.67 1.34
C ARG B 52 -17.20 -36.94 1.74
N ALA B 53 -18.13 -36.70 0.84
CA ALA B 53 -19.52 -36.86 1.16
C ALA B 53 -19.98 -38.22 1.58
N GLN B 54 -19.68 -39.27 0.84
CA GLN B 54 -20.18 -40.54 1.30
C GLN B 54 -19.52 -40.94 2.58
N ALA B 55 -18.22 -40.75 2.64
CA ALA B 55 -17.47 -41.10 3.81
C ALA B 55 -17.84 -40.27 5.02
N GLN B 56 -17.87 -38.96 4.86
CA GLN B 56 -18.08 -38.07 5.98
C GLN B 56 -19.43 -37.45 6.11
N GLY B 57 -20.30 -37.67 5.15
CA GLY B 57 -21.64 -37.11 5.13
C GLY B 57 -21.75 -35.81 4.37
N ALA B 58 -22.90 -35.59 3.76
CA ALA B 58 -23.12 -34.43 2.91
C ALA B 58 -23.34 -33.14 3.63
N LEU B 59 -23.09 -32.06 2.93
CA LEU B 59 -23.23 -30.74 3.47
C LEU B 59 -24.15 -29.99 2.57
N GLU B 60 -25.00 -29.14 3.08
CA GLU B 60 -25.78 -28.35 2.18
C GLU B 60 -24.81 -27.26 1.76
N VAL B 61 -24.62 -27.12 0.46
CA VAL B 61 -23.62 -26.23 -0.10
C VAL B 61 -24.12 -25.41 -1.26
N LEU B 62 -23.68 -24.16 -1.38
CA LEU B 62 -24.02 -23.33 -2.53
C LEU B 62 -22.83 -22.54 -3.03
N PHE B 63 -22.69 -22.46 -4.35
CA PHE B 63 -21.67 -21.67 -5.01
C PHE B 63 -22.28 -20.72 -5.97
N LEU B 64 -22.05 -19.44 -5.80
CA LEU B 64 -22.69 -18.46 -6.63
C LEU B 64 -21.72 -17.80 -7.54
N ASP B 65 -22.08 -17.61 -8.79
CA ASP B 65 -21.21 -16.91 -9.71
C ASP B 65 -21.96 -15.82 -10.42
N LYS B 66 -21.34 -14.68 -10.65
CA LYS B 66 -22.04 -13.63 -11.36
C LYS B 66 -22.37 -13.83 -12.82
N GLN B 67 -21.63 -14.67 -13.50
CA GLN B 67 -21.90 -14.84 -14.89
C GLN B 67 -23.19 -15.57 -15.03
N GLY B 68 -24.08 -15.07 -15.86
CA GLY B 68 -25.31 -15.76 -16.14
C GLY B 68 -25.11 -17.03 -16.90
N ASP B 69 -24.22 -16.96 -17.88
CA ASP B 69 -23.82 -18.10 -18.65
C ASP B 69 -22.35 -18.18 -18.43
N TYR B 70 -21.90 -19.25 -17.82
CA TYR B 70 -20.53 -19.30 -17.42
C TYR B 70 -19.58 -19.60 -18.51
N ARG B 71 -18.60 -18.74 -18.64
CA ARG B 71 -17.49 -18.94 -19.52
C ARG B 71 -16.30 -18.60 -18.70
N TRP B 72 -15.20 -19.27 -18.93
CA TRP B 72 -14.01 -19.07 -18.15
C TRP B 72 -13.25 -17.96 -18.77
N HIS B 73 -13.25 -16.80 -18.15
CA HIS B 73 -12.48 -15.76 -18.75
C HIS B 73 -12.97 -15.77 -20.13
N GLY B 74 -14.24 -15.57 -20.29
CA GLY B 74 -14.85 -15.65 -21.59
C GLY B 74 -14.43 -14.68 -22.65
N ASN B 75 -14.17 -13.44 -22.29
CA ASN B 75 -13.90 -12.44 -23.29
C ASN B 75 -12.48 -12.46 -23.75
N THR B 76 -11.71 -13.36 -23.21
CA THR B 76 -10.35 -13.52 -23.60
C THR B 76 -10.18 -14.69 -24.53
N LEU B 77 -11.26 -15.37 -24.87
CA LEU B 77 -11.14 -16.60 -25.61
C LEU B 77 -11.11 -16.44 -27.10
N VAL B 78 -9.93 -16.13 -27.58
CA VAL B 78 -9.62 -15.91 -28.96
C VAL B 78 -9.25 -17.21 -29.62
N SER B 79 -8.85 -17.16 -30.89
CA SER B 79 -8.54 -18.35 -31.66
C SER B 79 -7.37 -19.20 -31.26
N GLN B 80 -6.28 -18.59 -30.87
CA GLN B 80 -5.12 -19.37 -30.58
C GLN B 80 -4.61 -18.97 -29.25
N SER B 81 -5.29 -19.42 -28.24
CA SER B 81 -4.83 -19.26 -26.91
C SER B 81 -4.76 -20.65 -26.38
N GLU B 82 -3.59 -21.00 -25.89
CA GLU B 82 -3.33 -22.31 -25.38
C GLU B 82 -3.19 -22.21 -23.89
N LEU B 83 -3.69 -23.24 -23.24
CA LEU B 83 -3.62 -23.33 -21.83
C LEU B 83 -2.16 -23.28 -21.54
N GLN B 84 -1.75 -22.64 -20.46
CA GLN B 84 -0.34 -22.52 -20.15
C GLN B 84 0.14 -23.50 -19.12
N ILE B 85 -0.64 -24.53 -18.90
CA ILE B 85 -0.38 -25.48 -17.89
C ILE B 85 -0.69 -26.81 -18.50
N SER B 86 -0.20 -27.90 -17.95
CA SER B 86 -0.48 -29.20 -18.49
C SER B 86 -1.90 -29.60 -18.21
N PHE B 87 -2.51 -30.32 -19.12
CA PHE B 87 -3.88 -30.76 -18.95
C PHE B 87 -4.00 -31.72 -17.78
N LEU B 88 -2.90 -32.33 -17.41
CA LEU B 88 -2.84 -33.22 -16.27
C LEU B 88 -3.07 -32.49 -14.97
N LYS B 89 -2.72 -31.23 -14.94
CA LYS B 89 -3.02 -30.43 -13.79
C LYS B 89 -4.38 -29.90 -14.06
N ASP B 90 -5.35 -30.78 -14.14
CA ASP B 90 -6.70 -30.42 -14.41
C ASP B 90 -7.25 -30.12 -13.04
N LEU B 91 -8.55 -30.09 -12.90
CA LEU B 91 -9.20 -29.76 -11.65
C LEU B 91 -9.05 -30.79 -10.55
N VAL B 92 -8.85 -32.03 -10.95
CA VAL B 92 -8.84 -33.07 -9.95
C VAL B 92 -7.65 -34.00 -9.87
N SER B 93 -6.92 -34.15 -10.94
CA SER B 93 -5.97 -35.24 -11.08
C SER B 93 -4.83 -35.35 -10.12
N LEU B 94 -4.27 -34.25 -9.67
CA LEU B 94 -3.17 -34.39 -8.77
C LEU B 94 -3.62 -35.09 -7.53
N ARG B 95 -4.90 -34.99 -7.20
CA ARG B 95 -5.38 -35.66 -6.04
C ARG B 95 -5.97 -37.05 -6.29
N ASN B 96 -6.95 -37.13 -7.15
CA ASN B 96 -7.55 -38.38 -7.53
C ASN B 96 -7.61 -38.54 -9.02
N PRO B 97 -6.76 -39.41 -9.56
CA PRO B 97 -6.72 -39.62 -11.00
C PRO B 97 -7.93 -40.39 -11.50
N THR B 98 -8.67 -40.98 -10.57
CA THR B 98 -9.73 -41.88 -10.90
C THR B 98 -11.00 -41.11 -10.93
N SER B 99 -10.90 -39.79 -10.85
CA SER B 99 -12.09 -38.99 -10.81
C SER B 99 -12.77 -38.90 -12.13
N PRO B 100 -14.06 -38.70 -12.11
CA PRO B 100 -14.81 -38.61 -13.32
C PRO B 100 -14.51 -37.33 -14.02
N TYR B 101 -13.83 -36.45 -13.34
CA TYR B 101 -13.64 -35.11 -13.81
C TYR B 101 -12.28 -34.84 -14.38
N SER B 102 -11.53 -35.89 -14.64
CA SER B 102 -10.22 -35.73 -15.20
C SER B 102 -10.48 -35.18 -16.56
N PHE B 103 -9.58 -34.38 -17.08
CA PHE B 103 -9.78 -33.79 -18.39
C PHE B 103 -9.84 -34.91 -19.34
N VAL B 104 -9.06 -35.92 -19.06
CA VAL B 104 -9.02 -37.05 -19.90
C VAL B 104 -10.34 -37.73 -19.94
N ASN B 105 -11.02 -37.87 -18.82
CA ASN B 105 -12.33 -38.48 -18.86
C ASN B 105 -13.31 -37.62 -19.60
N TYR B 106 -13.11 -36.33 -19.53
CA TYR B 106 -13.99 -35.40 -20.17
C TYR B 106 -13.98 -35.60 -21.65
N LEU B 107 -12.80 -35.81 -22.19
CA LEU B 107 -12.62 -36.08 -23.59
C LEU B 107 -13.23 -37.39 -23.96
N HIS B 108 -13.09 -38.37 -23.10
CA HIS B 108 -13.66 -39.66 -23.41
C HIS B 108 -15.15 -39.57 -23.51
N LYS B 109 -15.78 -38.86 -22.61
CA LYS B 109 -17.21 -38.70 -22.66
C LYS B 109 -17.65 -37.94 -23.89
N HIS B 110 -16.75 -37.22 -24.52
CA HIS B 110 -17.08 -36.44 -25.70
C HIS B 110 -16.49 -37.06 -26.90
N ASP B 111 -15.98 -38.26 -26.75
CA ASP B 111 -15.43 -39.00 -27.85
C ASP B 111 -14.35 -38.29 -28.55
N ARG B 112 -13.48 -37.65 -27.81
CA ARG B 112 -12.34 -37.01 -28.41
C ARG B 112 -11.06 -37.52 -27.83
N LEU B 113 -11.13 -38.58 -27.05
CA LEU B 113 -9.91 -38.98 -26.40
C LEU B 113 -8.88 -39.35 -27.41
N VAL B 114 -9.25 -40.11 -28.42
CA VAL B 114 -8.27 -40.54 -29.39
C VAL B 114 -7.73 -39.45 -30.25
N ASP B 115 -8.59 -38.58 -30.72
CA ASP B 115 -8.17 -37.50 -31.55
C ASP B 115 -7.26 -36.59 -30.80
N PHE B 116 -7.51 -36.43 -29.52
CA PHE B 116 -6.72 -35.52 -28.73
C PHE B 116 -5.28 -35.94 -28.66
N ILE B 117 -5.07 -37.23 -28.57
CA ILE B 117 -3.78 -37.82 -28.48
C ILE B 117 -2.97 -37.58 -29.73
N ASN B 118 -3.63 -37.54 -30.86
CA ASN B 118 -2.93 -37.35 -32.12
C ASN B 118 -2.44 -35.97 -32.31
N LEU B 119 -2.89 -35.07 -31.47
CA LEU B 119 -2.42 -33.72 -31.43
C LEU B 119 -1.04 -33.68 -30.91
N GLY B 120 -0.80 -34.48 -29.90
CA GLY B 120 0.45 -34.49 -29.17
C GLY B 120 0.83 -33.26 -28.39
N THR B 121 -0.12 -32.70 -27.67
CA THR B 121 0.13 -31.50 -26.91
C THR B 121 -0.44 -31.71 -25.55
N PHE B 122 0.02 -30.95 -24.57
CA PHE B 122 -0.52 -31.02 -23.23
C PHE B 122 -1.34 -29.83 -22.95
N TYR B 123 -1.28 -28.87 -23.85
CA TYR B 123 -1.98 -27.65 -23.62
C TYR B 123 -3.05 -27.50 -24.60
N PRO B 124 -4.27 -27.60 -24.13
CA PRO B 124 -5.47 -27.51 -24.92
C PRO B 124 -5.79 -26.11 -25.26
N CYS B 125 -6.51 -25.88 -26.33
CA CYS B 125 -6.86 -24.54 -26.69
C CYS B 125 -7.72 -24.21 -25.53
N ARG B 126 -7.82 -22.94 -25.18
CA ARG B 126 -8.63 -22.52 -24.07
C ARG B 126 -10.11 -22.66 -24.26
N MET B 127 -10.57 -22.65 -25.49
CA MET B 127 -11.96 -22.81 -25.71
C MET B 127 -12.33 -24.16 -25.20
N GLU B 128 -11.45 -25.14 -25.41
CA GLU B 128 -11.67 -26.49 -24.93
C GLU B 128 -11.66 -26.66 -23.44
N PHE B 129 -10.76 -26.00 -22.76
CA PHE B 129 -10.74 -26.13 -21.33
C PHE B 129 -12.02 -25.59 -20.81
N ASN B 130 -12.53 -24.55 -21.44
CA ASN B 130 -13.75 -23.91 -20.99
C ASN B 130 -14.89 -24.85 -21.04
N ASP B 131 -15.01 -25.60 -22.12
CA ASP B 131 -16.07 -26.55 -22.22
C ASP B 131 -15.87 -27.50 -21.08
N TYR B 132 -14.65 -27.87 -20.83
CA TYR B 132 -14.39 -28.83 -19.80
C TYR B 132 -14.84 -28.30 -18.49
N LEU B 133 -14.50 -27.09 -18.20
CA LEU B 133 -14.87 -26.55 -16.95
C LEU B 133 -16.34 -26.54 -16.88
N ARG B 134 -17.00 -26.17 -17.95
CA ARG B 134 -18.44 -26.13 -17.93
C ARG B 134 -19.03 -27.48 -17.75
N TRP B 135 -18.51 -28.44 -18.46
CA TRP B 135 -19.07 -29.74 -18.43
C TRP B 135 -18.96 -30.19 -17.03
N VAL B 136 -17.84 -29.91 -16.43
CA VAL B 136 -17.63 -30.33 -15.07
C VAL B 136 -18.62 -29.72 -14.15
N ALA B 137 -18.91 -28.45 -14.39
CA ALA B 137 -19.82 -27.68 -13.58
C ALA B 137 -21.26 -28.09 -13.70
N SER B 138 -21.57 -28.80 -14.76
CA SER B 138 -22.92 -29.20 -15.02
C SER B 138 -23.34 -30.34 -14.15
N HIS B 139 -22.45 -30.78 -13.28
CA HIS B 139 -22.75 -31.86 -12.36
C HIS B 139 -23.04 -31.43 -10.97
N PHE B 140 -22.98 -30.14 -10.74
CA PHE B 140 -23.20 -29.58 -9.45
C PHE B 140 -24.31 -28.59 -9.48
N GLN B 141 -25.28 -28.86 -10.32
CA GLN B 141 -26.34 -27.92 -10.57
C GLN B 141 -27.13 -27.57 -9.35
N GLU B 142 -27.35 -28.52 -8.49
CA GLU B 142 -28.09 -28.23 -7.29
C GLU B 142 -27.40 -27.23 -6.43
N GLN B 143 -26.12 -27.45 -6.20
CA GLN B 143 -25.30 -26.53 -5.42
C GLN B 143 -25.06 -25.19 -6.06
N SER B 144 -24.83 -25.18 -7.35
CA SER B 144 -24.48 -23.96 -8.04
C SER B 144 -25.61 -23.06 -8.39
N ARG B 145 -25.46 -21.79 -8.05
CA ARG B 145 -26.43 -20.78 -8.43
C ARG B 145 -25.77 -19.79 -9.33
N TYR B 146 -26.20 -19.73 -10.56
CA TYR B 146 -25.62 -18.81 -11.51
C TYR B 146 -26.38 -17.50 -11.59
N GLY B 147 -25.73 -16.47 -12.06
CA GLY B 147 -26.37 -15.20 -12.23
C GLY B 147 -26.45 -14.37 -10.99
N GLU B 148 -25.86 -14.84 -9.91
CA GLU B 148 -25.94 -14.11 -8.67
C GLU B 148 -24.63 -13.56 -8.22
N GLU B 149 -24.55 -12.25 -8.05
CA GLU B 149 -23.33 -11.61 -7.61
C GLU B 149 -23.42 -11.30 -6.15
N VAL B 150 -22.44 -11.73 -5.39
CA VAL B 150 -22.41 -11.50 -3.97
C VAL B 150 -21.92 -10.12 -3.68
N LEU B 151 -22.69 -9.38 -2.91
CA LEU B 151 -22.36 -8.00 -2.62
C LEU B 151 -21.64 -7.75 -1.33
N ARG B 152 -22.04 -8.39 -0.25
CA ARG B 152 -21.38 -8.22 1.01
C ARG B 152 -21.70 -9.36 1.93
N ILE B 153 -20.89 -9.57 2.95
CA ILE B 153 -21.13 -10.61 3.92
C ILE B 153 -21.28 -10.01 5.28
N GLU B 154 -22.35 -10.33 5.98
CA GLU B 154 -22.63 -9.72 7.25
C GLU B 154 -22.71 -10.75 8.34
N PRO B 155 -22.23 -10.45 9.52
CA PRO B 155 -22.26 -11.39 10.63
C PRO B 155 -23.62 -11.58 11.21
N MET B 156 -23.98 -12.78 11.65
CA MET B 156 -25.21 -12.96 12.36
C MET B 156 -24.87 -13.21 13.80
N LEU B 157 -25.26 -12.29 14.65
CA LEU B 157 -24.84 -12.22 16.04
C LEU B 157 -25.71 -12.89 17.06
N SER B 158 -25.08 -13.64 17.95
CA SER B 158 -25.74 -14.26 19.07
C SER B 158 -24.97 -14.08 20.34
N ALA B 159 -25.09 -12.94 21.00
CA ALA B 159 -24.32 -12.82 22.21
C ALA B 159 -22.89 -12.45 21.96
N GLY B 160 -22.62 -11.80 20.86
CA GLY B 160 -21.26 -11.43 20.58
C GLY B 160 -20.41 -12.53 20.00
N GLN B 161 -21.08 -13.61 19.63
CA GLN B 161 -20.42 -14.70 18.94
C GLN B 161 -21.16 -14.79 17.64
N VAL B 162 -20.45 -15.00 16.54
CA VAL B 162 -21.10 -15.12 15.27
C VAL B 162 -21.30 -16.58 14.99
N GLU B 163 -22.53 -17.03 14.92
CA GLU B 163 -22.76 -18.42 14.63
C GLU B 163 -23.10 -18.60 13.18
N ALA B 164 -23.23 -17.51 12.45
CA ALA B 164 -23.64 -17.59 11.06
C ALA B 164 -23.19 -16.39 10.29
N LEU B 165 -23.37 -16.46 8.98
CA LEU B 165 -23.02 -15.40 8.06
C LEU B 165 -24.15 -15.11 7.13
N ARG B 166 -24.37 -13.85 6.82
CA ARG B 166 -25.40 -13.50 5.89
C ARG B 166 -24.72 -13.18 4.60
N VAL B 167 -25.17 -13.79 3.52
CA VAL B 167 -24.60 -13.55 2.22
C VAL B 167 -25.63 -12.85 1.40
N ILE B 168 -25.26 -11.71 0.87
CA ILE B 168 -26.17 -10.92 0.11
C ILE B 168 -25.83 -10.99 -1.33
N SER B 169 -26.79 -11.43 -2.13
CA SER B 169 -26.60 -11.52 -3.54
C SER B 169 -27.55 -10.65 -4.31
N ARG B 170 -27.21 -10.33 -5.54
CA ARG B 170 -28.00 -9.48 -6.36
C ARG B 170 -28.02 -10.27 -7.61
N ASN B 171 -29.04 -10.11 -8.42
CA ASN B 171 -29.16 -10.90 -9.62
C ASN B 171 -29.36 -10.06 -10.85
N ALA B 172 -29.45 -10.71 -12.00
CA ALA B 172 -29.48 -9.99 -13.26
C ALA B 172 -30.65 -9.06 -13.35
N ASP B 173 -31.78 -9.50 -12.85
CA ASP B 173 -32.95 -8.71 -12.94
C ASP B 173 -32.87 -7.53 -12.03
N GLY B 174 -31.86 -7.52 -11.16
CA GLY B 174 -31.70 -6.45 -10.18
C GLY B 174 -32.23 -6.72 -8.79
N GLU B 175 -32.57 -7.97 -8.53
CA GLU B 175 -33.10 -8.43 -7.26
C GLU B 175 -32.06 -8.61 -6.21
N GLU B 176 -32.48 -8.87 -5.00
CA GLU B 176 -31.55 -9.16 -3.93
C GLU B 176 -32.02 -10.40 -3.30
N LEU B 177 -31.10 -11.23 -2.87
CA LEU B 177 -31.41 -12.49 -2.29
C LEU B 177 -30.54 -12.56 -1.09
N VAL B 178 -31.04 -13.11 -0.01
CA VAL B 178 -30.24 -13.22 1.18
C VAL B 178 -30.19 -14.67 1.64
N ARG B 179 -29.01 -15.12 2.03
CA ARG B 179 -28.83 -16.50 2.42
C ARG B 179 -27.96 -16.54 3.63
N THR B 180 -28.03 -17.60 4.39
CA THR B 180 -27.25 -17.71 5.59
C THR B 180 -26.41 -18.96 5.57
N THR B 181 -25.14 -18.86 5.93
CA THR B 181 -24.26 -20.01 5.92
C THR B 181 -23.37 -20.16 7.13
N ARG B 182 -23.12 -21.40 7.49
CA ARG B 182 -22.19 -21.73 8.54
C ARG B 182 -20.75 -21.37 8.17
N ALA B 183 -20.40 -21.51 6.91
CA ALA B 183 -19.08 -21.16 6.45
C ALA B 183 -19.12 -20.53 5.10
N LEU B 184 -18.07 -19.81 4.77
CA LEU B 184 -17.98 -19.11 3.51
C LEU B 184 -16.64 -19.30 2.87
N VAL B 185 -16.59 -19.53 1.58
CA VAL B 185 -15.32 -19.63 0.93
C VAL B 185 -15.31 -18.62 -0.17
N VAL B 186 -14.27 -17.82 -0.24
CA VAL B 186 -14.24 -16.81 -1.27
C VAL B 186 -13.23 -17.06 -2.39
N SER B 187 -13.70 -17.17 -3.62
CA SER B 187 -12.84 -17.32 -4.76
C SER B 187 -13.31 -16.51 -5.92
N PRO B 188 -13.15 -15.22 -5.88
CA PRO B 188 -13.64 -14.36 -6.93
C PRO B 188 -12.65 -14.03 -8.02
N GLY B 189 -11.47 -14.58 -8.02
CA GLY B 189 -10.57 -14.20 -9.08
C GLY B 189 -10.00 -12.86 -8.81
N GLY B 190 -9.64 -12.15 -9.86
CA GLY B 190 -8.91 -10.93 -9.74
C GLY B 190 -9.57 -9.83 -10.50
N THR B 191 -9.07 -8.63 -10.31
CA THR B 191 -9.67 -7.48 -10.88
C THR B 191 -8.70 -6.84 -11.80
N PRO B 192 -9.21 -6.22 -12.82
CA PRO B 192 -8.37 -5.61 -13.79
C PRO B 192 -7.55 -4.55 -13.15
N ARG B 193 -6.30 -4.42 -13.58
CA ARG B 193 -5.42 -3.43 -13.06
C ARG B 193 -5.38 -2.39 -14.12
N ILE B 194 -5.51 -1.14 -13.74
CA ILE B 194 -5.48 -0.08 -14.70
C ILE B 194 -4.38 0.89 -14.36
N PRO B 195 -3.58 1.29 -15.31
CA PRO B 195 -2.56 2.27 -15.04
C PRO B 195 -3.29 3.50 -14.66
N GLN B 196 -2.67 4.36 -13.90
CA GLN B 196 -3.36 5.51 -13.44
C GLN B 196 -3.74 6.39 -14.58
N VAL B 197 -2.84 6.53 -15.50
CA VAL B 197 -2.99 7.55 -16.48
C VAL B 197 -4.28 7.32 -17.20
N PHE B 198 -4.63 6.08 -17.37
CA PHE B 198 -5.87 5.73 -18.02
C PHE B 198 -7.11 5.82 -17.17
N ARG B 199 -6.95 5.96 -15.87
CA ARG B 199 -8.10 5.91 -15.00
C ARG B 199 -9.06 6.98 -15.36
N ALA B 200 -8.53 8.07 -15.87
CA ALA B 200 -9.30 9.24 -16.25
C ALA B 200 -10.26 8.91 -17.35
N LEU B 201 -10.00 7.83 -18.06
CA LEU B 201 -10.75 7.51 -19.24
C LEU B 201 -11.82 6.45 -19.03
N LYS B 202 -12.19 6.24 -17.78
CA LYS B 202 -13.15 5.23 -17.46
C LYS B 202 -14.41 5.54 -18.19
N GLY B 203 -15.07 4.54 -18.71
CA GLY B 203 -16.30 4.77 -19.41
C GLY B 203 -16.14 5.17 -20.85
N ASP B 204 -14.93 5.17 -21.35
CA ASP B 204 -14.73 5.44 -22.75
C ASP B 204 -14.52 4.11 -23.38
N GLY B 205 -15.38 3.76 -24.32
CA GLY B 205 -15.37 2.46 -24.94
C GLY B 205 -14.19 2.25 -25.84
N ARG B 206 -13.43 3.29 -26.08
CA ARG B 206 -12.29 3.18 -26.94
C ARG B 206 -11.14 2.70 -26.14
N VAL B 207 -11.30 2.69 -24.85
CA VAL B 207 -10.28 2.17 -23.98
C VAL B 207 -10.87 1.11 -23.12
N PHE B 208 -10.33 -0.10 -23.18
CA PHE B 208 -10.78 -1.17 -22.34
C PHE B 208 -9.65 -2.07 -21.95
N HIS B 209 -9.85 -2.82 -20.88
CA HIS B 209 -8.92 -3.81 -20.41
C HIS B 209 -9.12 -5.05 -21.18
N HIS B 210 -8.12 -5.89 -21.24
CA HIS B 210 -8.15 -7.11 -21.99
C HIS B 210 -9.19 -8.08 -21.48
N SER B 211 -9.55 -7.97 -20.22
CA SER B 211 -10.43 -8.93 -19.64
C SER B 211 -11.69 -8.93 -20.43
N GLN B 212 -11.97 -7.81 -21.02
CA GLN B 212 -13.18 -7.62 -21.75
C GLN B 212 -12.89 -7.40 -23.22
N TYR B 213 -11.93 -8.11 -23.75
CA TYR B 213 -11.52 -7.90 -25.10
C TYR B 213 -12.49 -8.24 -26.19
N LEU B 214 -13.01 -9.46 -26.19
CA LEU B 214 -13.86 -9.84 -27.29
C LEU B 214 -15.10 -9.02 -27.31
N GLU B 215 -15.67 -8.79 -26.16
CA GLU B 215 -16.91 -8.09 -26.07
C GLU B 215 -16.75 -6.75 -26.72
N HIS B 216 -15.69 -6.04 -26.40
CA HIS B 216 -15.37 -4.77 -27.04
C HIS B 216 -14.97 -4.74 -28.49
N MET B 217 -14.32 -5.77 -28.97
CA MET B 217 -13.89 -5.75 -30.35
C MET B 217 -15.06 -5.94 -31.25
N ALA B 218 -16.11 -6.54 -30.75
CA ALA B 218 -17.30 -6.75 -31.54
C ALA B 218 -17.95 -5.45 -31.91
N LYS B 219 -17.97 -4.51 -31.00
CA LYS B 219 -18.62 -3.24 -31.25
C LYS B 219 -17.64 -2.11 -31.40
N PRO B 227 -10.39 0.66 -41.01
CA PRO B 227 -8.95 0.86 -40.85
C PRO B 227 -8.70 1.48 -39.55
N MET B 228 -8.40 0.72 -38.52
CA MET B 228 -8.23 1.25 -37.19
C MET B 228 -6.82 1.22 -36.68
N LYS B 229 -6.45 2.21 -35.89
CA LYS B 229 -5.17 2.20 -35.19
C LYS B 229 -5.44 1.89 -33.74
N ILE B 230 -4.80 0.86 -33.21
CA ILE B 230 -5.06 0.38 -31.86
C ILE B 230 -3.79 0.26 -31.04
N ALA B 231 -3.85 0.57 -29.77
CA ALA B 231 -2.69 0.52 -28.93
C ALA B 231 -2.87 -0.50 -27.88
N ILE B 232 -1.81 -1.21 -27.57
CA ILE B 232 -1.92 -2.22 -26.55
C ILE B 232 -0.94 -1.96 -25.49
N ILE B 233 -1.34 -2.04 -24.24
CA ILE B 233 -0.45 -1.73 -23.15
C ILE B 233 -0.12 -2.94 -22.35
N GLY B 234 1.17 -3.21 -22.24
CA GLY B 234 1.64 -4.36 -21.54
C GLY B 234 2.50 -5.27 -22.35
N GLY B 235 3.17 -6.19 -21.67
CA GLY B 235 4.01 -7.17 -22.30
C GLY B 235 3.84 -8.59 -21.87
N GLY B 236 2.77 -8.87 -21.18
CA GLY B 236 2.54 -10.18 -20.63
C GLY B 236 1.89 -11.07 -21.62
N GLN B 237 1.34 -12.17 -21.16
CA GLN B 237 0.64 -13.04 -22.05
C GLN B 237 -0.54 -12.37 -22.62
N SER B 238 -1.21 -11.58 -21.83
CA SER B 238 -2.39 -10.97 -22.34
C SER B 238 -2.09 -10.01 -23.45
N ALA B 239 -1.04 -9.23 -23.31
CA ALA B 239 -0.68 -8.26 -24.33
C ALA B 239 -0.30 -8.90 -25.63
N ALA B 240 0.49 -9.94 -25.59
CA ALA B 240 0.86 -10.63 -26.78
C ALA B 240 -0.29 -11.28 -27.48
N GLU B 241 -1.17 -11.90 -26.74
CA GLU B 241 -2.30 -12.52 -27.38
C GLU B 241 -3.17 -11.50 -28.05
N ALA B 242 -3.32 -10.35 -27.42
CA ALA B 242 -4.14 -9.34 -28.01
C ALA B 242 -3.46 -8.96 -29.27
N PHE B 243 -2.17 -8.82 -29.24
CA PHE B 243 -1.46 -8.43 -30.43
C PHE B 243 -1.67 -9.44 -31.50
N ILE B 244 -1.57 -10.70 -31.17
CA ILE B 244 -1.76 -11.70 -32.17
C ILE B 244 -3.16 -11.74 -32.73
N ASP B 245 -4.18 -11.63 -31.91
CA ASP B 245 -5.48 -11.77 -32.48
C ASP B 245 -5.61 -10.71 -33.50
N LEU B 246 -5.24 -9.51 -33.16
CA LEU B 246 -5.42 -8.43 -34.08
C LEU B 246 -4.65 -8.68 -35.32
N ASN B 247 -3.47 -9.21 -35.20
CA ASN B 247 -2.75 -9.35 -36.40
C ASN B 247 -3.44 -10.28 -37.31
N ASP B 248 -3.70 -11.49 -36.85
CA ASP B 248 -4.35 -12.44 -37.71
C ASP B 248 -5.78 -12.15 -38.05
N SER B 249 -6.56 -11.88 -37.02
CA SER B 249 -7.97 -11.58 -37.12
C SER B 249 -8.46 -10.30 -37.77
N TYR B 250 -7.79 -9.17 -37.53
CA TYR B 250 -8.23 -7.92 -38.11
C TYR B 250 -7.16 -7.19 -38.88
N PRO B 251 -7.18 -7.21 -40.20
CA PRO B 251 -6.13 -6.55 -40.96
C PRO B 251 -6.30 -5.07 -41.13
N SER B 252 -7.45 -4.61 -40.73
CA SER B 252 -7.80 -3.22 -40.80
C SER B 252 -6.89 -2.55 -39.82
N VAL B 253 -6.56 -3.26 -38.78
CA VAL B 253 -5.79 -2.79 -37.66
C VAL B 253 -4.30 -2.63 -37.82
N GLN B 254 -3.78 -1.53 -37.31
CA GLN B 254 -2.37 -1.34 -37.09
C GLN B 254 -2.12 -1.19 -35.63
N ALA B 255 -1.45 -2.15 -35.06
CA ALA B 255 -1.25 -2.24 -33.65
C ALA B 255 0.12 -1.85 -33.25
N ASP B 256 0.24 -0.92 -32.33
CA ASP B 256 1.49 -0.56 -31.73
C ASP B 256 1.42 -1.26 -30.40
N MET B 257 2.45 -1.97 -30.03
CA MET B 257 2.43 -2.71 -28.79
C MET B 257 3.31 -1.90 -27.91
N ILE B 258 2.80 -1.40 -26.79
CA ILE B 258 3.59 -0.52 -25.97
C ILE B 258 4.07 -1.11 -24.68
N LEU B 259 5.38 -1.30 -24.59
CA LEU B 259 5.97 -1.66 -23.36
C LEU B 259 6.97 -0.86 -22.64
N ARG B 260 6.89 -0.81 -21.32
CA ARG B 260 7.84 -0.09 -20.49
C ARG B 260 9.09 -0.90 -20.48
N ALA B 261 8.91 -2.20 -20.58
CA ALA B 261 10.00 -3.13 -20.59
C ALA B 261 10.69 -3.05 -21.93
N SER B 262 11.86 -3.63 -22.05
CA SER B 262 12.60 -3.56 -23.28
C SER B 262 12.40 -4.72 -24.19
N ALA B 263 11.85 -5.80 -23.67
CA ALA B 263 11.62 -6.95 -24.50
C ALA B 263 10.57 -7.80 -23.88
N LEU B 264 9.89 -8.59 -24.68
CA LEU B 264 8.98 -9.53 -24.14
C LEU B 264 9.95 -10.51 -23.62
N LYS B 265 9.61 -11.15 -22.50
CA LYS B 265 10.44 -12.21 -21.92
C LYS B 265 9.56 -13.45 -21.74
N PRO B 266 10.08 -14.60 -22.13
CA PRO B 266 9.35 -15.86 -22.06
C PRO B 266 9.11 -16.45 -20.67
N ALA B 267 7.99 -17.16 -20.50
CA ALA B 267 7.66 -17.82 -19.24
C ALA B 267 8.62 -18.98 -19.02
N ASP B 268 8.90 -19.31 -17.76
CA ASP B 268 9.82 -20.34 -17.48
C ASP B 268 9.08 -21.53 -16.97
N ASP B 269 9.12 -22.63 -17.70
CA ASP B 269 8.58 -23.89 -17.22
C ASP B 269 9.62 -24.97 -17.23
N SER B 270 10.88 -24.58 -17.27
CA SER B 270 11.91 -25.55 -17.36
C SER B 270 11.61 -26.29 -16.12
N PRO B 271 11.83 -27.57 -16.12
CA PRO B 271 11.33 -28.42 -15.05
C PRO B 271 11.78 -28.18 -13.64
N PHE B 272 13.03 -27.86 -13.41
CA PHE B 272 13.45 -27.64 -12.06
C PHE B 272 12.74 -26.47 -11.52
N VAL B 273 12.61 -25.48 -12.35
CA VAL B 273 11.94 -24.28 -11.95
C VAL B 273 10.49 -24.56 -11.62
N ASN B 274 9.89 -25.42 -12.42
CA ASN B 274 8.47 -25.66 -12.38
C ASN B 274 8.12 -26.39 -11.15
N GLU B 275 9.13 -26.73 -10.39
CA GLU B 275 8.92 -27.51 -9.20
C GLU B 275 8.50 -26.57 -8.11
N VAL B 276 8.22 -25.35 -8.50
CA VAL B 276 7.82 -24.32 -7.58
C VAL B 276 6.32 -24.18 -7.56
N PHE B 277 5.66 -25.00 -8.35
CA PHE B 277 4.22 -25.00 -8.46
C PHE B 277 3.76 -26.33 -7.90
N ALA B 278 4.68 -27.14 -7.43
CA ALA B 278 4.33 -28.40 -6.85
C ALA B 278 3.65 -28.14 -5.53
N PRO B 279 2.83 -29.05 -5.08
CA PRO B 279 2.12 -28.92 -3.83
C PRO B 279 3.04 -28.90 -2.66
N LYS B 280 4.16 -29.59 -2.81
CA LYS B 280 5.16 -29.71 -1.79
C LYS B 280 5.68 -28.33 -1.54
N PHE B 281 5.68 -27.52 -2.58
CA PHE B 281 6.15 -26.16 -2.41
C PHE B 281 5.28 -25.35 -1.47
N THR B 282 4.00 -25.60 -1.50
CA THR B 282 3.10 -24.77 -0.77
C THR B 282 3.48 -24.82 0.70
N ASP B 283 3.88 -25.97 1.20
CA ASP B 283 4.41 -26.07 2.53
C ASP B 283 5.72 -25.34 2.68
N LEU B 284 6.59 -25.44 1.69
CA LEU B 284 7.89 -24.82 1.79
C LEU B 284 7.81 -23.34 1.87
N ILE B 285 7.10 -22.71 0.96
CA ILE B 285 7.02 -21.27 0.99
C ILE B 285 6.33 -20.68 2.20
N TYR B 286 5.32 -21.38 2.69
CA TYR B 286 4.54 -20.96 3.85
C TYR B 286 5.30 -21.05 5.16
N SER B 287 6.35 -21.84 5.17
CA SER B 287 7.11 -22.11 6.36
C SER B 287 8.22 -21.11 6.50
N ARG B 288 8.18 -20.08 5.69
CA ARG B 288 9.25 -19.12 5.61
C ARG B 288 8.89 -17.73 6.08
N GLU B 289 9.90 -17.00 6.48
CA GLU B 289 9.75 -15.69 7.03
C GLU B 289 9.33 -14.79 5.92
N HIS B 290 8.84 -13.61 6.28
CA HIS B 290 8.30 -12.71 5.30
C HIS B 290 9.41 -12.38 4.36
N ALA B 291 10.60 -12.26 4.89
CA ALA B 291 11.74 -11.92 4.06
C ALA B 291 12.04 -13.05 3.11
N GLU B 292 12.06 -14.27 3.62
CA GLU B 292 12.29 -15.41 2.76
C GLU B 292 11.26 -15.54 1.68
N ARG B 293 10.00 -15.44 2.07
CA ARG B 293 8.93 -15.56 1.11
C ARG B 293 8.93 -14.59 -0.03
N GLU B 294 9.22 -13.33 0.23
CA GLU B 294 9.24 -12.37 -0.84
C GLU B 294 10.34 -12.60 -1.85
N ARG B 295 11.51 -13.07 -1.44
CA ARG B 295 12.54 -13.29 -2.44
C ARG B 295 12.17 -14.37 -3.40
N LEU B 296 11.57 -15.44 -2.91
CA LEU B 296 11.22 -16.50 -3.79
C LEU B 296 10.24 -15.96 -4.78
N LEU B 297 9.32 -15.16 -4.32
CA LEU B 297 8.34 -14.68 -5.23
C LEU B 297 9.01 -13.89 -6.33
N ARG B 298 9.98 -13.06 -5.98
CA ARG B 298 10.70 -12.29 -6.97
C ARG B 298 11.51 -13.16 -7.89
N GLU B 299 12.19 -14.14 -7.32
CA GLU B 299 13.06 -14.97 -8.10
C GLU B 299 12.26 -15.72 -9.11
N TYR B 300 11.09 -16.18 -8.72
CA TYR B 300 10.26 -17.01 -9.56
C TYR B 300 9.11 -16.30 -10.19
N HIS B 301 9.19 -15.00 -10.23
CA HIS B 301 8.14 -14.17 -10.76
C HIS B 301 7.93 -14.47 -12.22
N ASN B 302 9.02 -14.75 -12.90
CA ASN B 302 9.00 -14.95 -14.33
C ASN B 302 8.31 -16.21 -14.76
N THR B 303 8.03 -17.08 -13.84
CA THR B 303 7.32 -18.28 -14.15
C THR B 303 5.95 -17.92 -14.60
N ASN B 304 5.40 -16.89 -14.02
CA ASN B 304 4.03 -16.58 -14.29
C ASN B 304 3.67 -15.19 -14.77
N TYR B 305 4.33 -14.15 -14.26
CA TYR B 305 3.91 -12.79 -14.55
C TYR B 305 4.82 -11.98 -15.43
N SER B 306 4.25 -11.20 -16.33
CA SER B 306 4.99 -10.33 -17.22
C SER B 306 5.84 -11.11 -18.18
N VAL B 307 5.45 -12.33 -18.45
CA VAL B 307 6.21 -13.20 -19.31
C VAL B 307 5.33 -13.80 -20.35
N VAL B 308 5.91 -14.06 -21.51
CA VAL B 308 5.17 -14.58 -22.62
C VAL B 308 5.67 -15.97 -22.94
N ASP B 309 4.77 -16.79 -23.43
CA ASP B 309 5.07 -18.13 -23.84
C ASP B 309 6.01 -17.92 -24.98
N THR B 310 7.13 -18.62 -25.03
CA THR B 310 8.14 -18.38 -26.05
C THR B 310 7.68 -18.60 -27.47
N ASP B 311 6.89 -19.61 -27.71
CA ASP B 311 6.49 -19.87 -29.06
C ASP B 311 5.79 -18.62 -29.50
N LEU B 312 5.04 -18.01 -28.61
CA LEU B 312 4.36 -16.77 -28.89
C LEU B 312 5.27 -15.61 -29.16
N ILE B 313 6.37 -15.54 -28.45
CA ILE B 313 7.34 -14.51 -28.69
C ILE B 313 7.94 -14.66 -30.06
N GLU B 314 8.20 -15.88 -30.45
CA GLU B 314 8.78 -16.09 -31.74
C GLU B 314 7.87 -15.62 -32.83
N ARG B 315 6.57 -15.83 -32.67
CA ARG B 315 5.61 -15.36 -33.64
C ARG B 315 5.58 -13.87 -33.75
N ILE B 316 5.56 -13.21 -32.63
CA ILE B 316 5.51 -11.78 -32.71
C ILE B 316 6.75 -11.29 -33.34
N TYR B 317 7.87 -11.87 -32.98
CA TYR B 317 9.11 -11.41 -33.52
C TYR B 317 9.12 -11.59 -34.99
N GLY B 318 8.51 -12.65 -35.45
CA GLY B 318 8.44 -12.90 -36.87
C GLY B 318 7.65 -11.88 -37.59
N VAL B 319 6.56 -11.48 -36.99
CA VAL B 319 5.67 -10.55 -37.59
C VAL B 319 6.37 -9.27 -37.83
N PHE B 320 7.06 -8.81 -36.82
CA PHE B 320 7.83 -7.60 -36.96
C PHE B 320 8.92 -7.78 -37.93
N TYR B 321 9.49 -8.97 -37.95
CA TYR B 321 10.56 -9.26 -38.85
C TYR B 321 10.11 -9.21 -40.27
N ARG B 322 8.95 -9.74 -40.54
CA ARG B 322 8.44 -9.76 -41.89
C ARG B 322 8.19 -8.39 -42.41
N GLN B 323 7.94 -7.47 -41.53
CA GLN B 323 7.76 -6.09 -41.88
C GLN B 323 9.00 -5.47 -42.43
N LYS B 324 10.14 -5.86 -41.88
CA LYS B 324 11.41 -5.38 -42.34
C LYS B 324 11.57 -5.91 -43.72
N VAL B 325 11.18 -7.14 -43.94
CA VAL B 325 11.29 -7.70 -45.25
C VAL B 325 10.44 -6.97 -46.24
N SER B 326 9.16 -6.85 -45.93
CA SER B 326 8.22 -6.09 -46.75
C SER B 326 8.45 -4.62 -46.74
N GLY B 327 8.77 -4.08 -45.59
CA GLY B 327 8.98 -2.66 -45.48
C GLY B 327 7.67 -1.94 -45.36
N ILE B 328 6.62 -2.70 -45.15
CA ILE B 328 5.33 -2.14 -44.97
C ILE B 328 5.03 -2.26 -43.54
N PRO B 329 5.12 -1.17 -42.82
CA PRO B 329 5.01 -1.16 -41.38
C PRO B 329 3.62 -1.18 -40.77
N ARG B 330 2.94 -2.30 -40.79
CA ARG B 330 1.63 -2.39 -40.20
C ARG B 330 1.58 -2.03 -38.71
N HIS B 331 2.49 -2.60 -37.94
CA HIS B 331 2.52 -2.45 -36.50
C HIS B 331 3.81 -1.92 -36.00
N ALA B 332 3.86 -1.53 -34.74
CA ALA B 332 5.10 -1.03 -34.20
C ALA B 332 5.40 -1.64 -32.86
N PHE B 333 6.65 -1.83 -32.56
CA PHE B 333 6.99 -2.38 -31.29
C PHE B 333 7.52 -1.22 -30.55
N ARG B 334 6.95 -0.90 -29.41
CA ARG B 334 7.39 0.26 -28.73
C ARG B 334 7.79 -0.08 -27.34
N CYS B 335 8.97 -0.65 -27.25
CA CYS B 335 9.57 -1.02 -26.01
C CYS B 335 10.07 0.18 -25.29
N MET B 336 10.23 0.08 -24.00
CA MET B 336 10.88 1.16 -23.34
C MET B 336 10.07 2.36 -23.45
N THR B 337 8.81 2.24 -23.81
CA THR B 337 7.99 3.40 -23.96
C THR B 337 6.95 3.42 -22.87
N THR B 338 6.74 4.58 -22.27
CA THR B 338 5.76 4.74 -21.21
C THR B 338 4.77 5.76 -21.64
N VAL B 339 3.55 5.65 -21.13
CA VAL B 339 2.51 6.56 -21.51
C VAL B 339 2.39 7.53 -20.40
N GLU B 340 2.67 8.80 -20.67
CA GLU B 340 2.60 9.77 -19.61
C GLU B 340 1.31 10.50 -19.49
N ARG B 341 0.72 10.85 -20.61
CA ARG B 341 -0.58 11.47 -20.57
C ARG B 341 -1.44 10.81 -21.60
N ALA B 342 -2.64 10.40 -21.23
CA ALA B 342 -3.55 9.85 -22.19
C ALA B 342 -4.80 10.68 -22.13
N THR B 343 -5.21 11.27 -23.23
CA THR B 343 -6.38 12.10 -23.23
C THR B 343 -7.20 11.79 -24.44
N ALA B 344 -8.49 11.97 -24.35
CA ALA B 344 -9.39 11.62 -25.42
C ALA B 344 -9.73 12.82 -26.26
N THR B 345 -9.72 12.68 -27.57
CA THR B 345 -10.07 13.80 -28.41
C THR B 345 -11.10 13.37 -29.39
N ALA B 346 -11.45 14.28 -30.26
CA ALA B 346 -12.39 14.01 -31.31
C ALA B 346 -11.88 12.96 -32.25
N GLN B 347 -10.60 13.06 -32.56
CA GLN B 347 -9.92 12.15 -33.44
C GLN B 347 -9.69 10.73 -32.96
N GLY B 348 -9.44 10.57 -31.68
CA GLY B 348 -9.13 9.27 -31.10
C GLY B 348 -8.63 9.42 -29.70
N ILE B 349 -7.81 8.52 -29.23
CA ILE B 349 -7.25 8.66 -27.92
C ILE B 349 -5.82 9.11 -28.13
N GLU B 350 -5.43 10.20 -27.49
CA GLU B 350 -4.12 10.75 -27.69
C GLU B 350 -3.26 10.28 -26.57
N LEU B 351 -2.20 9.57 -26.87
CA LEU B 351 -1.35 9.04 -25.86
C LEU B 351 -0.04 9.70 -26.04
N ALA B 352 0.57 10.13 -24.95
CA ALA B 352 1.86 10.77 -24.99
C ALA B 352 2.84 9.79 -24.47
N LEU B 353 3.79 9.42 -25.32
CA LEU B 353 4.67 8.35 -25.01
C LEU B 353 6.07 8.79 -24.80
N ARG B 354 6.64 8.38 -23.69
CA ARG B 354 7.99 8.71 -23.39
C ARG B 354 8.78 7.48 -23.70
N ASP B 355 9.75 7.63 -24.56
CA ASP B 355 10.62 6.54 -24.94
C ASP B 355 11.93 6.76 -24.24
N ALA B 356 12.16 5.99 -23.19
CA ALA B 356 13.32 6.19 -22.36
C ALA B 356 14.66 6.07 -23.06
N GLY B 357 14.86 5.18 -23.99
CA GLY B 357 16.17 5.26 -24.59
C GLY B 357 16.34 6.54 -25.37
N SER B 358 15.41 6.83 -26.26
CA SER B 358 15.49 8.02 -27.07
C SER B 358 15.38 9.16 -26.15
N GLY B 359 14.46 9.04 -25.23
CA GLY B 359 14.21 9.99 -24.17
C GLY B 359 13.34 11.11 -24.64
N GLU B 360 13.09 11.12 -25.93
CA GLU B 360 12.21 12.06 -26.55
C GLU B 360 10.79 11.66 -26.26
N LEU B 361 9.89 12.62 -26.25
CA LEU B 361 8.51 12.34 -26.08
C LEU B 361 7.71 12.63 -27.32
N SER B 362 6.87 11.71 -27.74
CA SER B 362 6.15 11.87 -28.98
C SER B 362 4.68 11.58 -28.79
N VAL B 363 3.86 12.11 -29.68
CA VAL B 363 2.43 12.01 -29.56
C VAL B 363 1.83 11.08 -30.59
N GLU B 364 0.97 10.18 -30.17
CA GLU B 364 0.34 9.29 -31.09
C GLU B 364 -1.11 9.25 -30.76
N THR B 365 -1.93 9.04 -31.78
CA THR B 365 -3.36 9.08 -31.65
C THR B 365 -3.92 7.77 -32.13
N TYR B 366 -4.77 7.14 -31.34
CA TYR B 366 -5.31 5.82 -31.66
C TYR B 366 -6.80 5.73 -31.62
N ASP B 367 -7.32 4.89 -32.49
CA ASP B 367 -8.72 4.64 -32.51
C ASP B 367 -9.15 3.95 -31.24
N ALA B 368 -8.37 2.99 -30.78
CA ALA B 368 -8.67 2.29 -29.55
C ALA B 368 -7.43 1.96 -28.79
N VAL B 369 -7.58 1.71 -27.52
CA VAL B 369 -6.47 1.37 -26.68
C VAL B 369 -6.82 0.14 -25.90
N ILE B 370 -5.88 -0.78 -25.72
CA ILE B 370 -6.17 -1.98 -24.98
C ILE B 370 -5.22 -2.11 -23.86
N LEU B 371 -5.73 -2.32 -22.67
CA LEU B 371 -4.88 -2.42 -21.54
C LEU B 371 -4.77 -3.85 -21.22
N ALA B 372 -3.57 -4.37 -21.24
CA ALA B 372 -3.37 -5.75 -20.95
C ALA B 372 -2.35 -5.68 -19.87
N THR B 373 -2.77 -5.03 -18.80
CA THR B 373 -1.95 -4.70 -17.67
C THR B 373 -2.15 -5.63 -16.53
N GLY B 374 -2.98 -6.63 -16.72
CA GLY B 374 -3.12 -7.64 -15.72
C GLY B 374 -4.14 -7.53 -14.63
N TYR B 375 -4.03 -8.40 -13.65
CA TYR B 375 -4.94 -8.44 -12.55
C TYR B 375 -4.29 -8.29 -11.22
N GLU B 376 -5.04 -7.90 -10.21
CA GLU B 376 -4.55 -7.78 -8.86
C GLU B 376 -5.53 -8.48 -7.97
N ARG B 377 -5.11 -8.89 -6.79
CA ARG B 377 -6.01 -9.59 -5.90
C ARG B 377 -6.27 -8.84 -4.61
N GLN B 378 -7.53 -8.54 -4.38
CA GLN B 378 -7.92 -7.81 -3.19
C GLN B 378 -8.66 -8.91 -2.45
N ARG B 381 -12.02 -5.39 -0.14
CA ARG B 381 -13.17 -5.02 -0.94
C ARG B 381 -14.32 -4.73 -0.01
N GLN B 382 -15.42 -4.24 -0.58
CA GLN B 382 -16.62 -3.89 0.16
C GLN B 382 -17.24 -5.13 0.71
N LEU B 383 -16.82 -6.25 0.15
CA LEU B 383 -17.40 -7.54 0.40
C LEU B 383 -17.22 -8.09 1.79
N LEU B 384 -16.06 -7.85 2.39
CA LEU B 384 -15.85 -8.33 3.74
C LEU B 384 -15.82 -7.26 4.82
N GLU B 385 -16.05 -6.00 4.49
CA GLU B 385 -15.89 -4.94 5.47
C GLU B 385 -16.79 -5.15 6.66
N PRO B 386 -17.94 -5.73 6.43
CA PRO B 386 -18.87 -5.92 7.51
C PRO B 386 -18.23 -6.80 8.54
N LEU B 387 -17.20 -7.50 8.11
CA LEU B 387 -16.48 -8.42 8.96
C LEU B 387 -15.20 -7.87 9.53
N ALA B 388 -14.93 -6.61 9.33
CA ALA B 388 -13.65 -6.06 9.66
C ALA B 388 -13.36 -6.29 11.11
N GLU B 389 -14.39 -6.25 11.92
CA GLU B 389 -14.23 -6.28 13.35
C GLU B 389 -13.63 -7.60 13.73
N TYR B 390 -13.91 -8.68 13.02
CA TYR B 390 -13.35 -9.94 13.48
C TYR B 390 -12.07 -10.46 12.83
N LEU B 391 -11.63 -9.83 11.76
CA LEU B 391 -10.51 -10.34 10.97
C LEU B 391 -9.13 -10.54 11.63
N GLY B 392 -8.70 -9.63 12.50
CA GLY B 392 -7.37 -9.71 13.04
C GLY B 392 -6.46 -9.52 11.87
N ASP B 393 -5.17 -9.83 12.03
CA ASP B 393 -4.21 -9.72 10.93
C ASP B 393 -3.58 -11.06 10.58
N GLU B 395 -2.44 -13.18 9.70
CA GLU B 395 -2.65 -13.42 8.28
C GLU B 395 -3.63 -14.49 7.91
N ILE B 396 -3.18 -15.39 7.06
CA ILE B 396 -4.00 -16.43 6.52
C ILE B 396 -3.40 -17.74 6.90
N GLY B 397 -4.23 -18.68 7.33
CA GLY B 397 -3.75 -19.99 7.71
C GLY B 397 -3.42 -20.93 6.57
N ARG B 398 -2.70 -21.99 6.90
CA ARG B 398 -2.30 -22.95 5.91
C ARG B 398 -3.47 -23.58 5.26
N ASP B 399 -4.57 -23.69 5.97
CA ASP B 399 -5.71 -24.37 5.40
C ASP B 399 -6.48 -23.38 4.62
N TYR B 400 -5.89 -22.20 4.45
CA TYR B 400 -6.47 -21.15 3.61
C TYR B 400 -7.60 -20.43 4.34
N ARG B 401 -7.68 -20.67 5.65
CA ARG B 401 -8.71 -20.09 6.46
C ARG B 401 -8.28 -18.80 7.08
N LEU B 402 -9.12 -17.79 6.96
CA LEU B 402 -8.82 -16.50 7.52
C LEU B 402 -8.88 -16.62 9.00
N GLN B 403 -7.90 -16.06 9.69
CA GLN B 403 -7.85 -16.08 11.13
C GLN B 403 -8.75 -15.01 11.67
N THR B 404 -9.33 -15.25 12.84
CA THR B 404 -10.29 -14.33 13.42
C THR B 404 -10.31 -14.35 14.93
N ASP B 405 -11.02 -13.38 15.51
CA ASP B 405 -11.17 -13.26 16.95
C ASP B 405 -11.97 -14.28 17.70
N GLU B 406 -11.88 -14.28 19.03
CA GLU B 406 -12.51 -15.36 19.78
C GLU B 406 -13.97 -15.37 19.39
N ARG B 407 -14.52 -14.18 19.24
CA ARG B 407 -15.88 -14.00 18.76
C ARG B 407 -16.44 -14.70 17.55
N CYS B 408 -15.63 -14.84 16.50
CA CYS B 408 -16.09 -15.40 15.24
C CYS B 408 -15.98 -16.89 15.26
N LYS B 409 -17.04 -17.55 15.64
CA LYS B 409 -17.10 -19.00 15.67
C LYS B 409 -17.04 -19.68 14.29
N VAL B 410 -17.66 -19.08 13.30
CA VAL B 410 -17.63 -19.60 11.94
C VAL B 410 -16.32 -19.32 11.23
N ALA B 411 -16.02 -20.04 10.16
CA ALA B 411 -14.76 -19.85 9.49
C ALA B 411 -14.88 -19.51 8.04
N ILE B 412 -13.96 -18.68 7.59
CA ILE B 412 -13.96 -18.17 6.25
C ILE B 412 -12.69 -18.52 5.52
N TYR B 413 -12.84 -19.11 4.36
CA TYR B 413 -11.76 -19.58 3.55
C TYR B 413 -11.72 -18.76 2.29
N ALA B 414 -10.53 -18.39 1.86
CA ALA B 414 -10.38 -17.57 0.67
C ALA B 414 -9.39 -18.17 -0.28
N GLN B 415 -9.77 -18.32 -1.53
CA GLN B 415 -8.92 -18.96 -2.49
C GLN B 415 -8.39 -18.00 -3.49
N GLY B 416 -7.09 -18.06 -3.72
CA GLY B 416 -6.45 -17.19 -4.67
C GLY B 416 -5.90 -15.92 -4.12
N PHE B 417 -5.99 -15.74 -2.82
CA PHE B 417 -5.54 -14.51 -2.26
C PHE B 417 -4.34 -14.67 -1.37
N SER B 418 -3.68 -15.80 -1.51
CA SER B 418 -2.57 -16.15 -0.65
C SER B 418 -1.23 -16.34 -1.31
N GLN B 419 -0.97 -15.63 -2.39
CA GLN B 419 0.27 -15.87 -3.08
C GLN B 419 1.46 -15.59 -2.22
N ALA B 420 1.38 -14.57 -1.39
CA ALA B 420 2.48 -14.18 -0.52
C ALA B 420 2.84 -15.24 0.46
N SER B 421 1.86 -15.78 1.17
CA SER B 421 2.02 -16.95 2.04
C SER B 421 2.19 -18.31 1.39
N HIS B 422 1.46 -18.56 0.31
CA HIS B 422 1.44 -19.87 -0.32
C HIS B 422 2.14 -20.03 -1.64
N GLY B 423 2.67 -18.98 -2.22
CA GLY B 423 3.34 -19.12 -3.50
C GLY B 423 2.57 -18.88 -4.77
N LEU B 424 3.27 -19.07 -5.88
CA LEU B 424 2.80 -18.72 -7.20
C LEU B 424 1.58 -19.46 -7.71
N SER B 425 1.44 -20.67 -7.16
CA SER B 425 0.44 -21.68 -7.50
C SER B 425 -1.04 -21.34 -7.28
N ASP B 426 -1.28 -20.51 -6.31
CA ASP B 426 -2.61 -20.15 -5.92
C ASP B 426 -3.41 -19.46 -6.98
N THR B 427 -2.71 -18.64 -7.66
CA THR B 427 -3.41 -17.79 -8.63
C THR B 427 -3.82 -18.60 -9.84
N LEU B 428 -3.29 -19.79 -9.83
CA LEU B 428 -3.19 -20.73 -10.94
C LEU B 428 -3.77 -22.06 -10.47
N LEU B 429 -4.13 -22.90 -11.42
CA LEU B 429 -4.83 -24.12 -11.16
C LEU B 429 -3.81 -25.07 -10.81
N SER B 430 -2.63 -24.65 -10.44
CA SER B 430 -1.61 -25.65 -10.41
C SER B 430 -1.88 -26.59 -9.28
N VAL B 431 -2.40 -26.09 -8.16
CA VAL B 431 -2.66 -26.94 -7.02
C VAL B 431 -4.10 -27.08 -6.67
N LEU B 432 -4.98 -26.76 -7.58
CA LEU B 432 -6.36 -26.70 -7.19
C LEU B 432 -6.76 -28.03 -6.66
N PRO B 433 -6.29 -29.11 -7.25
CA PRO B 433 -6.72 -30.41 -6.78
C PRO B 433 -6.33 -30.61 -5.35
N VAL B 434 -5.12 -30.23 -5.00
CA VAL B 434 -4.63 -30.28 -3.64
C VAL B 434 -5.27 -29.29 -2.67
N ARG B 435 -5.47 -28.07 -3.09
CA ARG B 435 -6.03 -27.10 -2.19
C ARG B 435 -7.43 -27.47 -1.77
N ALA B 436 -8.24 -27.93 -2.69
CA ALA B 436 -9.61 -28.22 -2.42
C ALA B 436 -9.68 -29.26 -1.36
N GLU B 437 -8.81 -30.24 -1.43
CA GLU B 437 -8.79 -31.26 -0.42
C GLU B 437 -8.39 -30.66 0.91
N GLU B 438 -7.36 -29.84 0.92
CA GLU B 438 -6.96 -29.26 2.17
C GLU B 438 -8.09 -28.40 2.68
N ILE B 439 -8.64 -27.57 1.82
CA ILE B 439 -9.75 -26.74 2.19
C ILE B 439 -11.05 -27.37 2.61
N SER B 440 -11.47 -28.40 1.91
CA SER B 440 -12.70 -29.09 2.28
C SER B 440 -12.55 -29.98 3.51
N GLY B 441 -11.34 -30.43 3.73
CA GLY B 441 -10.97 -31.22 4.89
C GLY B 441 -11.10 -30.30 6.06
N SER B 442 -10.59 -29.10 5.94
CA SER B 442 -10.71 -28.15 7.02
C SER B 442 -12.15 -27.86 7.30
N LEU B 443 -12.95 -27.67 6.28
CA LEU B 443 -14.33 -27.34 6.53
C LEU B 443 -15.02 -28.45 7.26
N TYR B 444 -14.78 -29.67 6.84
CA TYR B 444 -15.38 -30.81 7.48
C TYR B 444 -14.90 -30.91 8.90
N GLN B 445 -13.63 -30.66 9.12
CA GLN B 445 -13.11 -30.77 10.44
C GLN B 445 -13.79 -29.76 11.28
N HIS B 446 -14.03 -28.60 10.72
CA HIS B 446 -14.62 -27.50 11.46
C HIS B 446 -16.10 -27.64 11.74
N LEU B 447 -16.78 -28.53 11.05
CA LEU B 447 -18.19 -28.69 11.32
C LEU B 447 -18.52 -30.01 11.95
N LYS B 448 -17.55 -30.64 12.59
CA LYS B 448 -17.78 -31.90 13.26
C LYS B 448 -16.58 -32.31 14.09
PA FAD C . 3.69 18.14 12.87
O1A FAD C . 3.80 16.72 13.37
O2A FAD C . 4.54 19.09 13.69
O5B FAD C . 2.15 18.58 12.84
C5B FAD C . 1.09 17.69 12.58
C4B FAD C . -0.06 18.06 13.49
O4B FAD C . -1.28 17.60 12.96
C3B FAD C . 0.05 17.42 14.87
O3B FAD C . -0.55 18.31 15.78
C2B FAD C . -0.79 16.17 14.81
O2B FAD C . -1.25 15.81 16.10
C1B FAD C . -1.86 16.63 13.81
N9A FAD C . -2.43 15.57 12.94
C8A FAD C . -1.86 14.40 12.51
N7A FAD C . -2.76 13.76 11.73
C5A FAD C . -3.89 14.53 11.66
C6A FAD C . -5.11 14.35 11.03
N6A FAD C . -5.56 13.10 10.95
N1A FAD C . -6.07 15.34 11.15
C2A FAD C . -5.86 16.47 11.92
N3A FAD C . -4.64 16.62 12.56
C4A FAD C . -3.69 15.66 12.42
N1 FAD C . 12.61 19.36 13.21
C2 FAD C . 13.48 20.42 13.29
O2 FAD C . 13.77 21.03 12.27
N3 FAD C . 14.02 20.81 14.50
C4 FAD C . 13.69 20.12 15.68
O4 FAD C . 14.17 20.46 16.77
C4X FAD C . 12.81 19.04 15.58
N5 FAD C . 12.45 18.36 16.72
C5X FAD C . 11.59 17.31 16.64
C6 FAD C . 11.27 16.64 17.81
C7 FAD C . 10.39 15.56 17.74
C7M FAD C . 10.06 14.87 19.03
C8 FAD C . 9.85 15.17 16.51
C8M FAD C . 8.88 14.02 16.41
C9 FAD C . 10.17 15.86 15.34
C9A FAD C . 11.05 16.94 15.40
N10 FAD C . 11.39 17.63 14.26
C10 FAD C . 12.27 18.68 14.35
C1' FAD C . 10.85 17.26 12.90
C2' FAD C . 9.39 17.70 12.79
O2' FAD C . 8.77 16.89 11.83
C3' FAD C . 9.25 19.16 12.35
O3' FAD C . 9.97 19.98 13.24
C4' FAD C . 7.81 19.63 12.40
O4' FAD C . 7.13 18.99 13.44
C5' FAD C . 7.11 19.34 11.08
O5' FAD C . 5.92 20.09 11.16
P FAD C . 4.50 19.60 10.59
O1P FAD C . 3.54 20.69 10.93
O2P FAD C . 4.60 19.32 9.12
O3P FAD C . 4.07 18.23 11.32
N ORN D . 20.80 20.78 10.71
CA ORN D . 19.45 21.09 10.19
CB ORN D . 18.38 20.64 11.19
CG ORN D . 18.51 19.16 11.51
CD ORN D . 17.45 18.77 12.51
NE ORN D . 17.58 17.37 12.85
C ORN D . 19.29 22.56 9.81
O ORN D . 20.16 23.39 10.19
OXT ORN D . 18.28 22.93 9.10
PA NDP E . 15.05 8.08 13.88
O1A NDP E . 15.90 8.37 12.72
O2A NDP E . 13.67 7.87 13.41
O5B NDP E . 15.68 6.87 14.72
C5B NDP E . 15.03 5.63 14.72
C4B NDP E . 15.86 4.68 15.58
O4B NDP E . 15.11 3.48 15.76
C3B NDP E . 17.13 4.30 14.86
O3B NDP E . 18.17 4.32 15.80
C2B NDP E . 16.87 2.89 14.34
O2B NDP E . 18.03 2.11 14.37
C1B NDP E . 15.79 2.34 15.28
N9A NDP E . 14.90 1.35 14.63
C8A NDP E . 13.95 1.54 13.65
N7A NDP E . 13.36 0.37 13.35
C5A NDP E . 13.92 -0.60 14.12
C6A NDP E . 13.69 -1.99 14.22
N6A NDP E . 12.77 -2.58 13.48
N1A NDP E . 14.44 -2.73 15.12
C2A NDP E . 15.39 -2.10 15.93
N3A NDP E . 15.61 -0.74 15.83
C4A NDP E . 14.88 0.00 14.94
O3 NDP E . 15.12 9.33 14.88
PN NDP E . 14.07 9.64 16.07
O1N NDP E . 12.90 8.76 15.99
O2N NDP E . 14.86 9.62 17.31
O5D NDP E . 13.56 11.11 15.66
C5D NDP E . 13.01 11.40 14.38
C4D NDP E . 13.06 12.90 14.13
O4D NDP E . 12.75 13.64 15.30
C3D NDP E . 14.44 13.36 13.75
O3D NDP E . 14.25 14.44 12.87
C2D NDP E . 15.02 13.84 15.06
O2D NDP E . 16.03 14.80 14.97
C1D NDP E . 13.82 14.48 15.70
N1N NDP E . 14.08 14.57 17.15
C2N NDP E . 14.40 15.81 17.62
C3N NDP E . 14.29 16.16 18.97
C7N NDP E . 14.67 17.55 19.41
O7N NDP E . 15.34 17.70 20.64
N7N NDP E . 14.39 18.60 18.64
C4N NDP E . 13.83 15.14 20.00
C5N NDP E . 13.51 13.82 19.38
C6N NDP E . 13.66 13.60 18.02
P2B NDP E . 18.95 1.98 13.06
O1X NDP E . 18.02 1.72 11.89
O2X NDP E . 19.93 0.85 13.25
O3X NDP E . 19.72 3.28 12.83
PA FAD F . -11.79 -17.26 -11.53
O1A FAD F . -11.39 -15.86 -11.94
O2A FAD F . -11.83 -18.30 -12.64
O5B FAD F . -13.21 -17.22 -10.80
C5B FAD F . -13.98 -16.05 -10.62
C4B FAD F . -15.42 -16.45 -10.84
O4B FAD F . -16.26 -15.95 -9.82
C3B FAD F . -15.87 -15.85 -12.14
O3B FAD F . -16.75 -16.76 -12.71
C2B FAD F . -16.58 -14.59 -11.69
O2B FAD F . -17.55 -14.14 -12.61
C1B FAD F . -17.16 -15.01 -10.34
N9A FAD F . -17.28 -13.86 -9.44
C8A FAD F . -16.42 -12.80 -9.34
N7A FAD F . -16.87 -11.94 -8.41
C5A FAD F . -18.05 -12.41 -7.92
C6A FAD F . -18.93 -11.91 -6.96
N6A FAD F . -18.49 -11.04 -6.06
N1A FAD F . -20.06 -12.64 -6.65
C2A FAD F . -20.32 -13.83 -7.29
N3A FAD F . -19.44 -14.32 -8.25
C4A FAD F . -18.31 -13.62 -8.56
N1 FAD F . -3.88 -20.23 -14.96
C2 FAD F . -3.31 -21.41 -15.42
O2 FAD F . -2.90 -22.24 -14.61
N3 FAD F . -3.23 -21.70 -16.76
C4 FAD F . -3.70 -20.76 -17.67
O4 FAD F . -3.62 -21.02 -18.87
C4X FAD F . -4.26 -19.57 -17.22
N5 FAD F . -4.74 -18.65 -18.13
C5X FAD F . -5.31 -17.46 -17.70
C6 FAD F . -5.79 -16.56 -18.64
C7 FAD F . -6.34 -15.34 -18.26
C7M FAD F . -6.84 -14.38 -19.31
C8 FAD F . -6.43 -15.06 -16.89
C8M FAD F . -7.04 -13.77 -16.42
C9 FAD F . -5.96 -15.96 -15.93
C9A FAD F . -5.40 -17.17 -16.33
N10 FAD F . -4.94 -18.10 -15.39
C10 FAD F . -4.36 -19.28 -15.84
C1' FAD F . -5.05 -17.79 -13.91
C2' FAD F . -6.50 -18.00 -13.43
O2' FAD F . -6.75 -17.23 -12.28
C3' FAD F . -6.84 -19.43 -13.06
O3' FAD F . -6.63 -20.20 -14.19
C4' FAD F . -8.28 -19.66 -12.57
O4' FAD F . -9.22 -18.89 -13.29
C5' FAD F . -8.49 -19.43 -11.07
O5' FAD F . -9.77 -19.87 -10.71
P FAD F . -10.65 -19.07 -9.62
O1P FAD F . -11.96 -19.78 -9.43
O2P FAD F . -9.92 -18.90 -8.32
O3P FAD F . -10.84 -17.63 -10.28
N ORN G . 4.22 -23.61 -15.15
CA ORN G . 3.05 -23.69 -14.24
CB ORN G . 1.85 -22.94 -14.83
CG ORN G . 2.20 -21.50 -15.15
CD ORN G . 1.00 -20.81 -15.75
NE ORN G . 1.31 -19.45 -16.08
C ORN G . 2.70 -25.12 -13.85
O ORN G . 3.21 -26.06 -14.50
OXT ORN G . 1.91 -25.33 -12.86
PA NDP H . 0.78 -9.69 -16.16
O1A NDP H . 2.14 -9.98 -15.72
O2A NDP H . -0.08 -9.49 -14.95
O5B NDP H . 1.02 -8.46 -17.12
C5B NDP H . 1.19 -7.19 -16.60
C4B NDP H . 1.68 -6.44 -17.80
O4B NDP H . 1.23 -5.11 -17.77
C3B NDP H . 3.18 -6.41 -17.71
O3B NDP H . 3.65 -6.50 -19.03
C2B NDP H . 3.41 -5.05 -17.05
O2B NDP H . 4.72 -4.61 -17.31
C1B NDP H . 2.29 -4.18 -17.64
N9A NDP H . 1.83 -3.01 -16.82
C8A NDP H . 1.19 -3.06 -15.60
N7A NDP H . 0.95 -1.78 -15.19
C5A NDP H . 1.42 -0.91 -16.13
C6A NDP H . 1.45 0.48 -16.19
N6A NDP H . 0.74 1.15 -15.28
N1A NDP H . 2.00 1.15 -17.27
C2A NDP H . 2.55 0.40 -18.30
N3A NDP H . 2.54 -0.99 -18.25
C4A NDP H . 1.97 -1.66 -17.17
O3 NDP H . 0.22 -10.76 -17.22
PN NDP H . -1.20 -10.83 -18.03
O1N NDP H . -2.21 -9.85 -17.63
O2N NDP H . -0.94 -10.90 -19.48
O5D NDP H . -1.71 -12.23 -17.44
C5D NDP H . -1.71 -12.43 -16.03
C4D NDP H . -1.98 -13.89 -15.74
O4D NDP H . -2.81 -14.46 -16.75
C3D NDP H . -0.71 -14.69 -15.82
O3D NDP H . -0.94 -15.82 -14.99
C2D NDP H . -0.68 -15.02 -17.31
O2D NDP H . 0.30 -15.97 -17.66
C1D NDP H . -2.13 -15.44 -17.52
N1N NDP H . -2.62 -15.39 -18.91
C2N NDP H . -2.72 -16.57 -19.58
C3N NDP H . -3.26 -16.69 -20.87
C7N NDP H . -3.30 -18.06 -21.52
O7N NDP H . -3.45 -18.22 -22.92
N7N NDP H . -3.21 -19.15 -20.74
C4N NDP H . -3.78 -15.46 -21.58
C5N NDP H . -3.65 -14.21 -20.75
C6N NDP H . -3.08 -14.23 -19.48
P2B NDP H . 5.87 -4.64 -16.21
O1X NDP H . 5.24 -4.22 -14.91
O2X NDP H . 6.93 -3.65 -16.67
O3X NDP H . 6.45 -6.05 -16.12
#